data_9KAO
#
_entry.id   9KAO
#
_cell.length_a   143.660
_cell.length_b   143.660
_cell.length_c   194.080
_cell.angle_alpha   90.000
_cell.angle_beta   90.000
_cell.angle_gamma   90.000
#
_symmetry.space_group_name_H-M   'P 43 21 2'
#
loop_
_entity.id
_entity.type
_entity.pdbx_description
1 polymer 'CTP synthase'
2 non-polymer 'SULFATE ION'
3 non-polymer '1,4-DIETHYLENE DIOXIDE'
#
_entity_poly.entity_id   1
_entity_poly.type   'polypeptide(L)'
_entity_poly.pdbx_seq_one_letter_code
;MTRYIFVTGGVVSSLGKGIASASLAAILEARGLKITMLKLDPYINVDPGTMSPFQHGEVFVTQDGAETDLDLGHYERFVR
TTMTQNNNFTTGRVYMDVLRKERRGDYLGATVQVIPHITDEIKRRIIKGAGDADVALVEIGGTVGDIESQPFLEAIRQLR
VEIGAKRAMLMHLTLVPYIATAGETKTKPTQHSVKELRSIGLQPDVLVCRSDHPIDVSSRRKIALFTNVEERAVIALEDV
DTIYRIPSVLHAQGLDDIVVERFGLECGQADLSEWDRVVDAKLNPEREVTIAMVGKYMELLDAYKSLIEAMTHAGIQSRT
KVNLRYIDSEDIEQQGTSLLEGVDAILVPGGFGLRGVEGKISTVQYARENKIPYLGICLGMQVAVIEYARNVLGWSDANS
TEFDKSSGHPVVGLITEWQDATGATEIRTEASDLGGTMRLGAQECQLQTGTLVHDCYAKDVIVERHRHRYEVNNNLLPQL
EQAGLKISGRSGDGALVEVVEAPEHPWFVACQFHPEFTSTPRDGHPLFSGFVNAALKYSGKAHHHHHHHH
;
_entity_poly.pdbx_strand_id   A,B
#
# COMPACT_ATOMS: atom_id res chain seq x y z
N MET A 1 20.92 24.92 4.57
CA MET A 1 20.61 23.53 4.29
C MET A 1 20.02 22.84 5.51
N THR A 2 18.90 22.16 5.31
CA THR A 2 18.24 21.46 6.40
C THR A 2 19.07 20.28 6.87
N ARG A 3 19.05 20.05 8.18
CA ARG A 3 19.77 18.96 8.80
C ARG A 3 18.78 18.08 9.55
N TYR A 4 19.07 16.79 9.60
CA TYR A 4 18.13 15.78 10.09
C TYR A 4 18.76 14.97 11.20
N ILE A 5 17.98 14.71 12.24
CA ILE A 5 18.34 13.76 13.30
C ILE A 5 17.26 12.68 13.32
N PHE A 6 17.67 11.44 13.09
CA PHE A 6 16.72 10.33 13.04
C PHE A 6 16.66 9.64 14.39
N VAL A 7 15.46 9.20 14.75
CA VAL A 7 15.19 8.54 16.03
C VAL A 7 14.58 7.18 15.74
N THR A 8 15.13 6.14 16.36
CA THR A 8 14.69 4.77 16.15
C THR A 8 14.53 4.07 17.50
N GLY A 9 13.79 2.96 17.47
CA GLY A 9 13.55 2.17 18.66
C GLY A 9 14.19 0.79 18.57
N GLY A 10 14.44 0.20 19.73
CA GLY A 10 15.07 -1.10 19.79
C GLY A 10 14.61 -1.97 20.94
N VAL A 11 14.85 -3.27 20.81
CA VAL A 11 14.49 -4.28 21.84
C VAL A 11 12.96 -4.41 21.93
N VAL A 12 12.32 -3.43 22.56
CA VAL A 12 10.87 -3.41 22.73
C VAL A 12 10.38 -2.01 22.42
N SER A 13 9.06 -1.87 22.30
CA SER A 13 8.44 -0.58 22.04
C SER A 13 8.26 0.18 23.34
N SER A 14 7.57 1.32 23.26
CA SER A 14 7.24 2.14 24.43
C SER A 14 8.50 2.57 25.20
N LEU A 15 9.57 2.84 24.46
CA LEU A 15 10.78 3.34 25.10
C LEU A 15 10.69 4.83 25.40
N GLY A 16 9.91 5.57 24.62
CA GLY A 16 9.88 7.01 24.76
C GLY A 16 10.60 7.69 23.63
N LYS A 17 10.44 7.17 22.41
CA LYS A 17 11.06 7.78 21.24
C LYS A 17 10.62 9.22 21.08
N GLY A 18 9.31 9.45 21.14
CA GLY A 18 8.79 10.80 20.98
C GLY A 18 9.22 11.73 22.09
N ILE A 19 9.22 11.23 23.33
CA ILE A 19 9.60 12.07 24.46
C ILE A 19 11.06 12.46 24.36
N ALA A 20 11.94 11.51 24.02
CA ALA A 20 13.35 11.81 23.88
C ALA A 20 13.61 12.78 22.72
N SER A 21 12.94 12.55 21.58
CA SER A 21 13.11 13.44 20.44
C SER A 21 12.64 14.85 20.78
N ALA A 22 11.49 14.96 21.45
CA ALA A 22 10.97 16.27 21.83
C ALA A 22 11.87 16.95 22.85
N SER A 23 12.44 16.19 23.77
CA SER A 23 13.37 16.77 24.73
C SER A 23 14.61 17.32 24.04
N LEU A 24 15.16 16.56 23.08
CA LEU A 24 16.30 17.05 22.32
C LEU A 24 15.93 18.31 21.53
N ALA A 25 14.73 18.32 20.95
CA ALA A 25 14.28 19.50 20.23
C ALA A 25 14.16 20.71 21.15
N ALA A 26 13.68 20.48 22.37
CA ALA A 26 13.60 21.56 23.35
C ALA A 26 14.99 22.08 23.70
N ILE A 27 15.95 21.17 23.87
CA ILE A 27 17.32 21.57 24.14
C ILE A 27 17.83 22.47 23.02
N LEU A 28 17.62 22.04 21.78
CA LEU A 28 18.09 22.83 20.63
C LEU A 28 17.35 24.17 20.53
N GLU A 29 16.07 24.19 20.87
CA GLU A 29 15.33 25.45 20.88
C GLU A 29 15.89 26.41 21.91
N ALA A 30 16.32 25.89 23.06
CA ALA A 30 16.96 26.73 24.06
C ALA A 30 18.27 27.34 23.57
N ARG A 31 18.86 26.79 22.50
CA ARG A 31 20.05 27.36 21.88
C ARG A 31 19.73 28.35 20.77
N GLY A 32 18.45 28.67 20.56
CA GLY A 32 18.03 29.61 19.55
C GLY A 32 17.71 29.01 18.20
N LEU A 33 17.98 27.72 18.01
CA LEU A 33 17.75 27.10 16.72
C LEU A 33 16.25 26.90 16.48
N LYS A 34 15.87 26.87 15.21
CA LYS A 34 14.47 26.70 14.81
C LYS A 34 14.25 25.24 14.46
N ILE A 35 13.63 24.49 15.37
CA ILE A 35 13.53 23.04 15.29
C ILE A 35 12.13 22.65 14.81
N THR A 36 12.06 21.51 14.13
CA THR A 36 10.79 20.87 13.83
C THR A 36 10.96 19.36 14.00
N MET A 37 9.84 18.65 14.12
CA MET A 37 9.88 17.22 14.29
C MET A 37 8.83 16.56 13.42
N LEU A 38 9.10 15.31 13.04
CA LEU A 38 8.25 14.51 12.19
C LEU A 38 8.07 13.14 12.80
N LYS A 39 6.90 12.53 12.53
CA LYS A 39 6.59 11.20 13.02
C LYS A 39 6.17 10.32 11.85
N LEU A 40 6.86 9.19 11.69
CA LEU A 40 6.64 8.26 10.60
C LEU A 40 6.13 6.96 11.21
N ASP A 41 4.89 6.59 10.88
CA ASP A 41 4.25 5.43 11.51
C ASP A 41 4.30 4.24 10.58
N PRO A 42 4.85 3.11 11.01
CA PRO A 42 4.95 1.93 10.15
C PRO A 42 3.71 1.04 10.21
N TYR A 43 2.54 1.64 10.00
CA TYR A 43 1.32 0.87 9.82
C TYR A 43 0.58 1.42 8.61
N ILE A 44 -0.21 0.56 7.97
CA ILE A 44 -0.80 0.88 6.68
C ILE A 44 -2.18 1.50 6.86
N ASN A 45 -2.49 1.97 8.07
CA ASN A 45 -3.63 2.84 8.24
C ASN A 45 -3.31 4.21 7.65
N VAL A 46 -4.23 4.74 6.84
CA VAL A 46 -3.97 6.00 6.15
C VAL A 46 -3.75 7.13 7.16
N ASP A 47 -4.66 7.28 8.10
CA ASP A 47 -4.47 8.17 9.23
C ASP A 47 -4.96 7.48 10.49
N PRO A 48 -4.41 7.83 11.65
CA PRO A 48 -4.82 7.18 12.90
C PRO A 48 -6.23 7.50 13.36
N GLY A 49 -7.01 8.26 12.58
CA GLY A 49 -8.34 8.63 13.01
C GLY A 49 -9.25 7.45 13.24
N THR A 50 -9.16 6.43 12.39
CA THR A 50 -9.98 5.24 12.55
C THR A 50 -9.49 4.32 13.65
N MET A 51 -8.26 4.51 14.12
CA MET A 51 -7.64 3.58 15.05
C MET A 51 -8.19 3.77 16.46
N SER A 52 -8.41 2.65 17.15
CA SER A 52 -8.88 2.69 18.52
C SER A 52 -7.76 3.07 19.47
N PRO A 53 -8.09 3.64 20.63
CA PRO A 53 -7.05 3.98 21.62
C PRO A 53 -6.35 2.77 22.22
N PHE A 54 -6.93 1.58 22.10
CA PHE A 54 -6.28 0.39 22.65
C PHE A 54 -4.97 0.09 21.93
N GLN A 55 -4.83 0.51 20.68
CA GLN A 55 -3.65 0.16 19.89
C GLN A 55 -2.48 1.08 20.20
N HIS A 56 -2.63 2.38 19.91
CA HIS A 56 -1.54 3.33 20.12
C HIS A 56 -2.03 4.61 20.79
N GLY A 57 -2.96 4.49 21.73
CA GLY A 57 -3.33 5.64 22.55
C GLY A 57 -4.22 6.64 21.83
N GLU A 58 -4.16 7.88 22.30
CA GLU A 58 -5.04 8.94 21.83
C GLU A 58 -4.78 9.26 20.36
N VAL A 59 -5.67 10.06 19.80
CA VAL A 59 -5.55 10.55 18.44
C VAL A 59 -5.45 12.08 18.53
N PHE A 60 -4.27 12.61 18.26
CA PHE A 60 -4.05 14.04 18.34
C PHE A 60 -4.70 14.74 17.15
N VAL A 61 -5.10 16.00 17.37
CA VAL A 61 -5.69 16.83 16.33
C VAL A 61 -4.83 18.08 16.17
N THR A 62 -4.32 18.29 14.97
CA THR A 62 -3.45 19.42 14.69
C THR A 62 -4.27 20.65 14.32
N GLN A 63 -3.60 21.80 14.27
CA GLN A 63 -4.28 23.06 13.96
C GLN A 63 -4.87 23.03 12.55
N ASP A 64 -4.15 22.44 11.60
CA ASP A 64 -4.64 22.43 10.22
C ASP A 64 -5.76 21.41 10.00
N GLY A 65 -6.06 20.57 10.98
CA GLY A 65 -7.18 19.68 10.90
C GLY A 65 -6.87 18.24 10.56
N ALA A 66 -5.77 17.69 11.08
CA ALA A 66 -5.37 16.33 10.79
C ALA A 66 -5.36 15.50 12.06
N GLU A 67 -5.80 14.25 11.94
CA GLU A 67 -5.75 13.31 13.05
C GLU A 67 -4.43 12.55 12.98
N THR A 68 -3.56 12.78 13.95
CA THR A 68 -2.18 12.31 13.90
C THR A 68 -1.86 11.46 15.12
N ASP A 69 -0.60 11.03 15.19
CA ASP A 69 -0.11 10.29 16.34
C ASP A 69 0.01 11.20 17.55
N LEU A 70 -0.12 10.63 18.73
CA LEU A 70 -0.04 11.40 19.96
C LEU A 70 1.32 12.06 20.15
N ASP A 71 2.36 11.51 19.52
CA ASP A 71 3.71 12.05 19.71
C ASP A 71 3.80 13.50 19.28
N LEU A 72 3.03 13.89 18.25
CA LEU A 72 3.03 15.28 17.83
C LEU A 72 2.67 16.21 18.98
N GLY A 73 1.78 15.77 19.86
CA GLY A 73 1.46 16.56 21.03
C GLY A 73 2.71 16.89 21.82
N HIS A 74 3.51 15.86 22.12
CA HIS A 74 4.78 16.09 22.81
C HIS A 74 5.57 17.18 22.11
N TYR A 75 5.61 17.13 20.78
CA TYR A 75 6.36 18.13 20.03
C TYR A 75 5.91 19.53 20.40
N GLU A 76 4.61 19.79 20.31
CA GLU A 76 4.10 21.12 20.58
C GLU A 76 4.28 21.51 22.04
N ARG A 77 4.47 20.54 22.92
CA ARG A 77 4.68 20.85 24.33
C ARG A 77 6.15 21.05 24.68
N PHE A 78 7.08 20.79 23.75
CA PHE A 78 8.49 20.95 24.07
C PHE A 78 9.17 22.04 23.27
N VAL A 79 8.66 22.39 22.08
CA VAL A 79 9.09 23.58 21.37
C VAL A 79 7.84 24.36 20.99
N ARG A 80 8.01 25.66 20.77
CA ARG A 80 6.88 26.54 20.49
C ARG A 80 6.61 26.65 18.99
N THR A 81 6.44 25.50 18.35
CA THR A 81 6.04 25.43 16.95
C THR A 81 4.71 24.72 16.83
N THR A 82 4.11 24.83 15.65
CA THR A 82 2.81 24.24 15.39
C THR A 82 2.94 23.14 14.34
N MET A 83 2.36 21.98 14.62
CA MET A 83 2.46 20.83 13.74
C MET A 83 1.30 20.82 12.76
N THR A 84 1.60 20.44 11.52
CA THR A 84 0.62 20.27 10.46
C THR A 84 0.64 18.82 10.00
N GLN A 85 -0.21 18.52 9.00
CA GLN A 85 -0.30 17.16 8.50
C GLN A 85 0.99 16.70 7.82
N ASN A 86 1.89 17.62 7.48
CA ASN A 86 3.17 17.24 6.89
C ASN A 86 4.13 16.68 7.92
N ASN A 87 3.85 16.86 9.21
CA ASN A 87 4.74 16.43 10.28
C ASN A 87 4.43 15.03 10.80
N ASN A 88 3.38 14.38 10.31
CA ASN A 88 3.08 13.01 10.68
C ASN A 88 2.48 12.29 9.48
N PHE A 89 3.01 11.12 9.15
CA PHE A 89 2.39 10.32 8.12
C PHE A 89 2.75 8.85 8.32
N THR A 90 2.12 8.00 7.51
CA THR A 90 2.10 6.57 7.70
C THR A 90 2.48 5.85 6.41
N THR A 91 2.78 4.55 6.55
CA THR A 91 3.03 3.73 5.37
C THR A 91 1.79 3.64 4.51
N GLY A 92 0.60 3.65 5.14
CA GLY A 92 -0.62 3.53 4.37
C GLY A 92 -0.84 4.69 3.42
N ARG A 93 -0.63 5.92 3.90
CA ARG A 93 -0.78 7.07 3.02
C ARG A 93 0.23 7.05 1.89
N VAL A 94 1.48 6.71 2.19
CA VAL A 94 2.50 6.65 1.15
C VAL A 94 2.12 5.64 0.09
N TYR A 95 1.72 4.44 0.51
CA TYR A 95 1.33 3.41 -0.46
C TYR A 95 0.11 3.84 -1.26
N MET A 96 -0.87 4.47 -0.61
CA MET A 96 -2.08 4.87 -1.32
C MET A 96 -1.78 5.95 -2.36
N ASP A 97 -1.01 6.96 -2.00
CA ASP A 97 -0.68 8.00 -2.99
C ASP A 97 0.22 7.45 -4.09
N VAL A 98 1.10 6.51 -3.78
CA VAL A 98 1.92 5.91 -4.84
C VAL A 98 1.05 5.09 -5.78
N LEU A 99 0.06 4.36 -5.23
CA LEU A 99 -0.86 3.61 -6.06
C LEU A 99 -1.69 4.54 -6.94
N ARG A 100 -2.12 5.68 -6.39
CA ARG A 100 -2.87 6.65 -7.18
C ARG A 100 -2.00 7.25 -8.28
N LYS A 101 -0.72 7.50 -7.98
CA LYS A 101 0.20 7.98 -9.01
C LYS A 101 0.37 6.96 -10.11
N GLU A 102 0.49 5.69 -9.74
CA GLU A 102 0.63 4.63 -10.73
C GLU A 102 -0.63 4.52 -11.59
N ARG A 103 -1.81 4.63 -10.97
CA ARG A 103 -3.04 4.59 -11.73
C ARG A 103 -3.18 5.79 -12.66
N ARG A 104 -2.67 6.95 -12.25
CA ARG A 104 -2.69 8.12 -13.12
C ARG A 104 -1.73 7.98 -14.30
N GLY A 105 -0.87 6.97 -14.29
CA GLY A 105 0.15 6.85 -15.31
C GLY A 105 1.33 7.77 -15.13
N ASP A 106 1.51 8.36 -13.95
CA ASP A 106 2.60 9.29 -13.72
C ASP A 106 3.96 8.61 -13.72
N TYR A 107 4.00 7.28 -13.66
CA TYR A 107 5.26 6.55 -13.70
C TYR A 107 5.63 6.09 -15.10
N LEU A 108 4.73 6.27 -16.07
CA LEU A 108 5.02 6.03 -17.49
C LEU A 108 5.50 4.61 -17.74
N GLY A 109 4.64 3.65 -17.36
CA GLY A 109 4.91 2.26 -17.64
C GLY A 109 6.16 1.70 -16.98
N ALA A 110 6.36 2.00 -15.70
CA ALA A 110 7.52 1.53 -14.97
C ALA A 110 7.09 0.62 -13.83
N THR A 111 7.92 -0.38 -13.54
CA THR A 111 7.67 -1.29 -12.44
C THR A 111 7.86 -0.54 -11.13
N VAL A 112 6.75 -0.27 -10.44
CA VAL A 112 6.77 0.48 -9.19
C VAL A 112 7.14 -0.49 -8.07
N GLN A 113 8.20 -0.16 -7.35
CA GLN A 113 8.74 -1.02 -6.30
C GLN A 113 8.89 -0.24 -5.00
N VAL A 114 9.18 -0.97 -3.93
CA VAL A 114 9.49 -0.34 -2.65
C VAL A 114 10.73 0.54 -2.81
N ILE A 115 11.75 0.02 -3.47
CA ILE A 115 12.94 0.77 -3.85
C ILE A 115 12.91 0.93 -5.37
N PRO A 116 12.96 2.16 -5.90
CA PRO A 116 13.09 3.43 -5.19
C PRO A 116 11.81 4.24 -5.07
N HIS A 117 10.65 3.76 -5.52
CA HIS A 117 9.46 4.61 -5.56
C HIS A 117 8.93 4.93 -4.16
N ILE A 118 8.75 3.89 -3.34
CA ILE A 118 8.24 4.11 -1.99
C ILE A 118 9.24 4.92 -1.17
N THR A 119 10.52 4.59 -1.29
CA THR A 119 11.55 5.34 -0.58
C THR A 119 11.60 6.78 -1.05
N ASP A 120 11.42 7.01 -2.35
CA ASP A 120 11.38 8.37 -2.86
C ASP A 120 10.20 9.14 -2.27
N GLU A 121 9.04 8.51 -2.19
CA GLU A 121 7.88 9.16 -1.60
C GLU A 121 8.13 9.51 -0.13
N ILE A 122 8.72 8.56 0.61
CA ILE A 122 8.99 8.79 2.03
C ILE A 122 9.98 9.93 2.20
N LYS A 123 11.04 9.95 1.38
CA LYS A 123 12.03 11.02 1.47
C LYS A 123 11.41 12.36 1.12
N ARG A 124 10.58 12.42 0.08
CA ARG A 124 9.94 13.68 -0.28
C ARG A 124 9.06 14.18 0.84
N ARG A 125 8.31 13.28 1.48
CA ARG A 125 7.48 13.70 2.61
C ARG A 125 8.32 14.16 3.79
N ILE A 126 9.46 13.52 4.02
CA ILE A 126 10.36 13.99 5.09
C ILE A 126 10.85 15.41 4.80
N ILE A 127 11.25 15.67 3.54
CA ILE A 127 11.71 17.01 3.19
C ILE A 127 10.57 18.02 3.34
N LYS A 128 9.37 17.66 2.89
CA LYS A 128 8.24 18.59 2.99
C LYS A 128 7.90 18.89 4.44
N GLY A 129 7.95 17.87 5.31
CA GLY A 129 7.71 18.11 6.73
C GLY A 129 8.80 18.92 7.39
N ALA A 130 10.06 18.74 6.97
CA ALA A 130 11.16 19.45 7.59
C ALA A 130 11.03 20.96 7.38
N GLY A 131 10.67 21.38 6.18
CA GLY A 131 10.46 22.80 5.93
C GLY A 131 11.74 23.59 6.06
N ASP A 132 11.62 24.82 6.56
CA ASP A 132 12.73 25.75 6.70
C ASP A 132 13.46 25.59 8.02
N ALA A 133 13.17 24.53 8.77
CA ALA A 133 13.78 24.36 10.08
C ALA A 133 15.28 24.13 9.95
N ASP A 134 16.04 24.69 10.91
CA ASP A 134 17.47 24.41 10.96
C ASP A 134 17.72 22.93 11.24
N VAL A 135 16.93 22.33 12.12
CA VAL A 135 17.07 20.92 12.45
C VAL A 135 15.69 20.28 12.50
N ALA A 136 15.55 19.13 11.84
CA ALA A 136 14.33 18.34 11.87
C ALA A 136 14.63 16.99 12.50
N LEU A 137 13.85 16.62 13.50
CA LEU A 137 13.98 15.32 14.16
C LEU A 137 12.91 14.40 13.61
N VAL A 138 13.33 13.42 12.83
CA VAL A 138 12.41 12.46 12.23
C VAL A 138 12.40 11.20 13.08
N GLU A 139 11.25 10.87 13.63
CA GLU A 139 11.09 9.71 14.50
C GLU A 139 10.43 8.58 13.71
N ILE A 140 10.94 7.36 13.90
CA ILE A 140 10.44 6.19 13.21
C ILE A 140 9.69 5.35 14.23
N GLY A 141 8.43 5.04 13.93
CA GLY A 141 7.65 4.20 14.81
C GLY A 141 8.05 2.74 14.73
N GLY A 142 7.57 1.97 15.69
CA GLY A 142 7.91 0.57 15.76
C GLY A 142 9.29 0.34 16.33
N THR A 143 9.73 -0.90 16.24
CA THR A 143 11.04 -1.30 16.73
C THR A 143 11.87 -1.87 15.59
N VAL A 144 13.17 -1.57 15.62
CA VAL A 144 14.06 -2.08 14.58
C VAL A 144 14.05 -3.59 14.58
N GLY A 145 13.97 -4.17 13.39
CA GLY A 145 13.84 -5.60 13.20
C GLY A 145 12.49 -6.02 12.65
N ASP A 146 11.46 -5.20 12.84
CA ASP A 146 10.18 -5.46 12.19
C ASP A 146 10.28 -5.14 10.71
N ILE A 147 9.63 -5.97 9.89
CA ILE A 147 9.59 -5.72 8.46
C ILE A 147 8.72 -4.53 8.10
N GLU A 148 7.93 -4.02 9.04
CA GLU A 148 7.04 -2.90 8.75
C GLU A 148 7.81 -1.60 8.60
N SER A 149 8.91 -1.44 9.34
CA SER A 149 9.67 -0.20 9.33
C SER A 149 10.83 -0.22 8.35
N GLN A 150 11.03 -1.31 7.61
CA GLN A 150 12.15 -1.39 6.68
C GLN A 150 12.15 -0.28 5.63
N PRO A 151 11.03 0.08 5.01
CA PRO A 151 11.08 1.22 4.07
C PRO A 151 11.58 2.50 4.70
N PHE A 152 11.16 2.81 5.92
CA PHE A 152 11.60 4.04 6.56
C PHE A 152 13.10 4.01 6.85
N LEU A 153 13.59 2.88 7.35
CA LEU A 153 15.02 2.75 7.62
C LEU A 153 15.82 2.86 6.34
N GLU A 154 15.34 2.24 5.25
CA GLU A 154 16.03 2.37 3.98
C GLU A 154 16.03 3.80 3.48
N ALA A 155 14.91 4.52 3.66
CA ALA A 155 14.84 5.90 3.22
C ALA A 155 15.83 6.78 4.00
N ILE A 156 15.90 6.58 5.32
CA ILE A 156 16.84 7.40 6.10
C ILE A 156 18.28 7.00 5.81
N ARG A 157 18.53 5.72 5.48
CA ARG A 157 19.85 5.33 5.03
C ARG A 157 20.22 6.04 3.74
N GLN A 158 19.29 6.10 2.79
CA GLN A 158 19.54 6.82 1.54
C GLN A 158 19.80 8.29 1.82
N LEU A 159 19.05 8.89 2.75
CA LEU A 159 19.30 10.28 3.12
C LEU A 159 20.70 10.45 3.69
N ARG A 160 21.10 9.58 4.61
CA ARG A 160 22.45 9.63 5.17
C ARG A 160 23.49 9.59 4.07
N VAL A 161 23.32 8.67 3.12
CA VAL A 161 24.28 8.54 2.04
C VAL A 161 24.31 9.82 1.20
N GLU A 162 23.14 10.38 0.90
CA GLU A 162 23.03 11.47 -0.06
C GLU A 162 23.48 12.82 0.48
N ILE A 163 23.18 13.16 1.75
CA ILE A 163 23.53 14.47 2.27
C ILE A 163 24.72 14.42 3.23
N GLY A 164 25.22 13.24 3.57
CA GLY A 164 26.43 13.12 4.34
C GLY A 164 26.23 13.27 5.84
N ALA A 165 27.31 13.04 6.58
CA ALA A 165 27.26 13.09 8.04
C ALA A 165 27.08 14.50 8.57
N LYS A 166 27.43 15.52 7.79
CA LYS A 166 27.27 16.90 8.23
C LYS A 166 25.81 17.34 8.27
N ARG A 167 24.90 16.52 7.73
CA ARG A 167 23.48 16.86 7.74
C ARG A 167 22.61 15.70 8.22
N ALA A 168 23.18 14.70 8.87
CA ALA A 168 22.41 13.53 9.28
C ALA A 168 23.04 12.89 10.51
N MET A 169 22.18 12.44 11.43
CA MET A 169 22.59 11.66 12.58
C MET A 169 21.57 10.55 12.81
N LEU A 170 21.97 9.56 13.60
CA LEU A 170 21.09 8.48 14.01
C LEU A 170 21.17 8.34 15.52
N MET A 171 20.12 8.73 16.21
CA MET A 171 20.00 8.55 17.65
C MET A 171 19.04 7.39 17.89
N HIS A 172 19.60 6.26 18.33
CA HIS A 172 18.87 5.01 18.47
C HIS A 172 18.55 4.78 19.94
N LEU A 173 17.26 4.58 20.23
CA LEU A 173 16.83 4.27 21.59
C LEU A 173 16.82 2.77 21.79
N THR A 174 17.43 2.33 22.90
CA THR A 174 17.56 0.93 23.20
C THR A 174 17.20 0.72 24.67
N LEU A 175 16.99 -0.54 25.04
CA LEU A 175 16.64 -0.89 26.40
C LEU A 175 17.72 -1.80 26.99
N VAL A 176 18.26 -1.41 28.14
CA VAL A 176 19.13 -2.29 28.91
C VAL A 176 18.33 -2.77 30.12
N PRO A 177 18.01 -4.06 30.20
CA PRO A 177 17.16 -4.55 31.28
C PRO A 177 17.96 -4.90 32.52
N TYR A 178 17.36 -4.69 33.68
CA TYR A 178 17.95 -5.12 34.93
C TYR A 178 17.45 -6.52 35.27
N ILE A 179 18.36 -7.49 35.24
CA ILE A 179 18.03 -8.87 35.57
C ILE A 179 18.14 -9.01 37.09
N ALA A 180 16.99 -9.21 37.74
CA ALA A 180 16.97 -9.28 39.20
C ALA A 180 17.77 -10.48 39.70
N THR A 181 17.68 -11.62 39.02
CA THR A 181 18.41 -12.81 39.43
C THR A 181 19.92 -12.64 39.31
N ALA A 182 20.38 -11.69 38.51
CA ALA A 182 21.81 -11.45 38.35
C ALA A 182 22.30 -10.18 39.03
N GLY A 183 21.40 -9.29 39.42
CA GLY A 183 21.79 -8.06 40.08
C GLY A 183 22.61 -7.11 39.24
N GLU A 184 22.36 -7.08 37.94
CA GLU A 184 23.07 -6.19 37.04
C GLU A 184 22.26 -6.03 35.76
N THR A 185 22.67 -5.06 34.95
CA THR A 185 22.02 -4.81 33.67
C THR A 185 22.80 -5.44 32.53
N LYS A 186 22.08 -5.95 31.54
CA LYS A 186 22.66 -6.67 30.43
C LYS A 186 22.64 -5.82 29.17
N THR A 187 23.77 -5.78 28.47
CA THR A 187 23.88 -5.05 27.21
C THR A 187 23.60 -5.91 25.98
N LYS A 188 23.37 -7.21 26.16
CA LYS A 188 23.17 -8.11 25.03
C LYS A 188 22.01 -7.72 24.11
N PRO A 189 20.81 -7.41 24.61
CA PRO A 189 19.74 -7.00 23.68
C PRO A 189 20.07 -5.75 22.90
N THR A 190 20.78 -4.79 23.51
CA THR A 190 21.21 -3.61 22.78
C THR A 190 22.18 -3.97 21.67
N GLN A 191 23.13 -4.87 21.96
CA GLN A 191 24.08 -5.29 20.95
C GLN A 191 23.37 -5.99 19.80
N HIS A 192 22.36 -6.81 20.11
CA HIS A 192 21.59 -7.46 19.06
C HIS A 192 20.83 -6.44 18.23
N SER A 193 20.26 -5.41 18.87
CA SER A 193 19.58 -4.36 18.12
C SER A 193 20.53 -3.60 17.22
N VAL A 194 21.74 -3.32 17.71
CA VAL A 194 22.74 -2.65 16.89
C VAL A 194 23.16 -3.54 15.73
N LYS A 195 23.24 -4.85 15.96
CA LYS A 195 23.55 -5.77 14.86
C LYS A 195 22.44 -5.74 13.81
N GLU A 196 21.19 -5.69 14.25
CA GLU A 196 20.07 -5.59 13.31
C GLU A 196 20.14 -4.30 12.52
N LEU A 197 20.51 -3.20 13.18
CA LEU A 197 20.71 -1.93 12.50
C LEU A 197 21.87 -1.99 11.50
N ARG A 198 22.94 -2.70 11.85
CA ARG A 198 24.09 -2.80 10.94
C ARG A 198 23.75 -3.67 9.74
N SER A 199 22.86 -4.65 9.92
CA SER A 199 22.45 -5.51 8.82
C SER A 199 21.70 -4.77 7.73
N ILE A 200 21.12 -3.61 8.04
CA ILE A 200 20.38 -2.82 7.07
C ILE A 200 21.17 -1.57 6.66
N GLY A 201 22.48 -1.55 6.94
CA GLY A 201 23.31 -0.45 6.50
C GLY A 201 23.22 0.79 7.36
N LEU A 202 22.67 0.70 8.56
CA LEU A 202 22.52 1.84 9.45
C LEU A 202 23.42 1.68 10.66
N GLN A 203 24.31 2.65 10.87
CA GLN A 203 25.20 2.67 12.01
C GLN A 203 24.77 3.77 12.96
N PRO A 204 24.31 3.44 14.17
CA PRO A 204 23.88 4.50 15.10
C PRO A 204 25.03 5.41 15.47
N ASP A 205 24.71 6.70 15.62
CA ASP A 205 25.68 7.70 16.03
C ASP A 205 25.55 8.07 17.51
N VAL A 206 24.33 8.01 18.05
CA VAL A 206 24.08 8.23 19.46
C VAL A 206 23.19 7.10 19.97
N LEU A 207 23.46 6.63 21.18
CA LEU A 207 22.67 5.57 21.79
C LEU A 207 22.00 6.11 23.05
N VAL A 208 20.68 6.03 23.10
CA VAL A 208 19.90 6.43 24.28
C VAL A 208 19.46 5.15 24.98
N CYS A 209 20.05 4.87 26.13
CA CYS A 209 19.83 3.62 26.84
C CYS A 209 18.78 3.84 27.91
N ARG A 210 17.75 3.00 27.91
CA ARG A 210 16.60 3.14 28.79
C ARG A 210 16.57 2.02 29.81
N SER A 211 16.38 2.36 31.08
CA SER A 211 16.33 1.36 32.13
C SER A 211 15.62 1.96 33.34
N ASP A 212 15.17 1.08 34.22
CA ASP A 212 14.59 1.48 35.50
C ASP A 212 15.62 1.52 36.61
N HIS A 213 16.86 1.17 36.33
CA HIS A 213 17.96 1.15 37.28
C HIS A 213 19.13 1.93 36.71
N PRO A 214 20.01 2.45 37.57
CA PRO A 214 21.10 3.30 37.08
C PRO A 214 22.00 2.57 36.09
N ILE A 215 22.48 3.32 35.10
CA ILE A 215 23.37 2.78 34.08
C ILE A 215 24.79 3.17 34.43
N ASP A 216 25.59 2.21 34.88
CA ASP A 216 26.92 2.52 35.37
C ASP A 216 27.88 2.74 34.20
N VAL A 217 29.03 3.33 34.53
CA VAL A 217 29.98 3.77 33.51
C VAL A 217 30.58 2.60 32.75
N SER A 218 30.80 1.46 33.41
CA SER A 218 31.38 0.31 32.73
C SER A 218 30.42 -0.21 31.67
N SER A 219 29.12 -0.19 31.94
CA SER A 219 28.14 -0.56 30.93
C SER A 219 28.22 0.39 29.74
N ARG A 220 28.39 1.68 29.99
CA ARG A 220 28.52 2.63 28.89
C ARG A 220 29.78 2.37 28.07
N ARG A 221 30.89 2.06 28.73
CA ARG A 221 32.12 1.78 28.00
C ARG A 221 31.98 0.51 27.16
N LYS A 222 31.38 -0.54 27.74
CA LYS A 222 31.15 -1.77 26.98
C LYS A 222 30.21 -1.54 25.80
N ILE A 223 29.16 -0.75 26.00
CA ILE A 223 28.17 -0.58 24.96
C ILE A 223 28.70 0.34 23.87
N ALA A 224 29.65 1.22 24.21
CA ALA A 224 30.30 2.02 23.18
C ALA A 224 31.32 1.21 22.40
N LEU A 225 32.06 0.34 23.09
CA LEU A 225 33.08 -0.46 22.41
C LEU A 225 32.45 -1.51 21.50
N PHE A 226 31.43 -2.22 21.99
CA PHE A 226 30.81 -3.31 21.25
C PHE A 226 29.98 -2.83 20.06
N THR A 227 29.74 -1.53 19.95
CA THR A 227 29.03 -0.97 18.81
C THR A 227 29.80 0.11 18.06
N ASN A 228 31.06 0.36 18.41
CA ASN A 228 31.96 1.25 17.68
C ASN A 228 31.39 2.67 17.60
N VAL A 229 31.02 3.19 18.76
CA VAL A 229 30.60 4.58 18.91
C VAL A 229 31.43 5.20 20.03
N GLU A 230 31.64 6.51 19.96
CA GLU A 230 32.44 7.20 20.97
C GLU A 230 31.73 7.15 22.31
N GLU A 231 32.53 7.23 23.38
CA GLU A 231 31.98 7.10 24.73
C GLU A 231 30.97 8.20 25.04
N ARG A 232 31.28 9.44 24.67
CA ARG A 232 30.38 10.55 24.94
C ARG A 232 29.09 10.47 24.15
N ALA A 233 29.01 9.57 23.15
CA ALA A 233 27.80 9.40 22.35
C ALA A 233 26.89 8.32 22.93
N VAL A 234 27.17 7.85 24.14
CA VAL A 234 26.27 6.93 24.82
C VAL A 234 25.58 7.69 25.94
N ILE A 235 24.28 7.91 25.77
CA ILE A 235 23.50 8.70 26.72
C ILE A 235 22.67 7.76 27.58
N ALA A 236 22.71 7.96 28.89
CA ALA A 236 21.92 7.18 29.82
C ALA A 236 20.65 7.95 30.17
N LEU A 237 19.51 7.40 29.75
CA LEU A 237 18.20 8.00 30.01
C LEU A 237 17.37 6.99 30.79
N GLU A 238 17.37 7.13 32.12
CA GLU A 238 16.64 6.25 33.00
C GLU A 238 15.22 6.76 33.22
N ASP A 239 14.40 5.93 33.85
CA ASP A 239 13.07 6.36 34.24
C ASP A 239 13.18 7.56 35.18
N VAL A 240 12.55 8.66 34.82
CA VAL A 240 12.72 9.92 35.52
C VAL A 240 11.48 10.23 36.33
N ASP A 241 11.63 11.17 37.26
CA ASP A 241 10.50 11.58 38.10
C ASP A 241 9.51 12.45 37.35
N THR A 242 9.97 13.21 36.36
CA THR A 242 9.09 13.95 35.47
C THR A 242 9.80 14.13 34.14
N ILE A 243 9.02 14.14 33.05
CA ILE A 243 9.64 14.17 31.73
C ILE A 243 10.29 15.51 31.45
N TYR A 244 9.80 16.58 32.08
CA TYR A 244 10.32 17.91 31.81
C TYR A 244 11.75 18.11 32.28
N ARG A 245 12.29 17.17 33.06
CA ARG A 245 13.70 17.23 33.46
C ARG A 245 14.62 16.53 32.46
N ILE A 246 14.08 15.77 31.50
CA ILE A 246 14.95 15.15 30.49
C ILE A 246 15.76 16.18 29.72
N PRO A 247 15.23 17.34 29.32
CA PRO A 247 16.10 18.35 28.69
C PRO A 247 17.30 18.72 29.54
N SER A 248 17.14 18.79 30.86
CA SER A 248 18.31 19.00 31.72
C SER A 248 19.23 17.79 31.67
N VAL A 249 18.69 16.60 31.87
CA VAL A 249 19.49 15.38 31.95
C VAL A 249 20.39 15.25 30.72
N LEU A 250 19.77 15.27 29.54
CA LEU A 250 20.55 15.16 28.31
C LEU A 250 21.56 16.28 28.19
N HIS A 251 21.18 17.49 28.59
CA HIS A 251 22.10 18.61 28.50
C HIS A 251 23.31 18.42 29.42
N ALA A 252 23.14 17.65 30.50
CA ALA A 252 24.26 17.36 31.38
C ALA A 252 25.23 16.37 30.76
N GLN A 253 24.81 15.64 29.73
CA GLN A 253 25.67 14.67 29.06
C GLN A 253 26.17 15.18 27.70
N GLY A 254 25.96 16.45 27.40
CA GLY A 254 26.50 17.04 26.18
C GLY A 254 25.93 16.49 24.90
N LEU A 255 24.65 16.11 24.89
CA LEU A 255 24.02 15.65 23.66
C LEU A 255 23.87 16.80 22.66
N ASP A 256 23.44 17.96 23.13
CA ASP A 256 23.36 19.12 22.26
C ASP A 256 24.74 19.53 21.76
N ASP A 257 25.78 19.37 22.58
CA ASP A 257 27.12 19.63 22.12
C ASP A 257 27.50 18.68 21.00
N ILE A 258 27.10 17.41 21.10
CA ILE A 258 27.35 16.46 20.03
C ILE A 258 26.64 16.87 18.75
N VAL A 259 25.37 17.29 18.88
CA VAL A 259 24.60 17.69 17.70
C VAL A 259 25.25 18.89 17.02
N VAL A 260 25.64 19.89 17.81
CA VAL A 260 26.28 21.09 17.27
C VAL A 260 27.61 20.74 16.63
N GLU A 261 28.41 19.90 17.28
CA GLU A 261 29.71 19.52 16.74
C GLU A 261 29.57 18.79 15.41
N ARG A 262 28.63 17.85 15.33
CA ARG A 262 28.46 17.08 14.10
C ARG A 262 27.91 17.94 12.98
N PHE A 263 26.86 18.72 13.26
CA PHE A 263 26.23 19.51 12.22
C PHE A 263 26.99 20.80 11.90
N GLY A 264 28.00 21.15 12.69
CA GLY A 264 28.72 22.38 12.45
C GLY A 264 27.85 23.61 12.56
N LEU A 265 27.01 23.66 13.60
CA LEU A 265 26.11 24.77 13.83
C LEU A 265 26.78 25.79 14.74
N GLU A 266 26.44 27.06 14.55
CA GLU A 266 26.95 28.14 15.37
C GLU A 266 25.76 28.81 16.05
N CYS A 267 25.62 28.59 17.35
CA CYS A 267 24.48 29.10 18.09
C CYS A 267 24.89 29.30 19.54
N GLY A 268 24.08 30.08 20.26
CA GLY A 268 24.38 30.37 21.64
C GLY A 268 24.24 29.15 22.54
N GLN A 269 24.80 29.27 23.74
CA GLN A 269 24.75 28.17 24.68
C GLN A 269 23.33 27.94 25.16
N ALA A 270 23.04 26.71 25.56
CA ALA A 270 21.70 26.33 25.96
C ALA A 270 21.30 27.06 27.24
N ASP A 271 20.09 27.61 27.24
CA ASP A 271 19.51 28.28 28.40
C ASP A 271 18.21 27.56 28.75
N LEU A 272 18.25 26.71 29.78
CA LEU A 272 17.12 25.90 30.19
C LEU A 272 16.42 26.47 31.42
N SER A 273 16.40 27.80 31.54
CA SER A 273 15.79 28.42 32.72
C SER A 273 14.30 28.13 32.80
N GLU A 274 13.60 28.17 31.66
CA GLU A 274 12.17 27.88 31.64
C GLU A 274 11.91 26.44 32.07
N TRP A 275 12.70 25.50 31.58
CA TRP A 275 12.50 24.10 31.97
C TRP A 275 12.90 23.86 33.41
N ASP A 276 13.93 24.56 33.91
CA ASP A 276 14.25 24.47 35.33
C ASP A 276 13.09 24.97 36.18
N ARG A 277 12.47 26.07 35.78
CA ARG A 277 11.29 26.57 36.49
C ARG A 277 10.17 25.55 36.44
N VAL A 278 9.96 24.92 35.28
CA VAL A 278 8.90 23.94 35.13
C VAL A 278 9.13 22.76 36.07
N VAL A 279 10.36 22.23 36.08
CA VAL A 279 10.63 21.06 36.89
C VAL A 279 10.55 21.39 38.38
N ASP A 280 11.00 22.59 38.76
CA ASP A 280 10.94 22.99 40.17
C ASP A 280 9.49 23.16 40.62
N ALA A 281 8.65 23.78 39.79
CA ALA A 281 7.27 23.99 40.16
C ALA A 281 6.42 22.73 40.02
N LYS A 282 6.91 21.71 39.31
CA LYS A 282 6.20 20.44 39.23
C LYS A 282 6.61 19.47 40.34
N LEU A 283 7.88 19.47 40.74
CA LEU A 283 8.36 18.53 41.73
C LEU A 283 8.20 19.03 43.16
N ASN A 284 7.96 20.32 43.35
CA ASN A 284 7.84 20.91 44.69
C ASN A 284 6.58 21.76 44.76
N PRO A 285 5.41 21.12 44.83
CA PRO A 285 4.17 21.87 44.96
C PRO A 285 3.97 22.37 46.38
N GLU A 286 3.07 23.35 46.51
CA GLU A 286 2.72 23.91 47.81
C GLU A 286 1.29 23.62 48.20
N ARG A 287 0.36 23.70 47.25
CA ARG A 287 -1.05 23.38 47.50
C ARG A 287 -1.35 21.97 46.98
N GLU A 288 -2.61 21.55 47.11
CA GLU A 288 -3.01 20.21 46.71
C GLU A 288 -4.52 20.13 46.62
N VAL A 289 -5.01 19.56 45.52
CA VAL A 289 -6.43 19.29 45.33
C VAL A 289 -6.60 17.87 44.81
N THR A 290 -7.84 17.40 44.80
CA THR A 290 -8.20 16.10 44.24
C THR A 290 -9.35 16.31 43.28
N ILE A 291 -9.11 16.10 41.99
CA ILE A 291 -10.09 16.36 40.94
C ILE A 291 -10.53 15.03 40.37
N ALA A 292 -11.85 14.83 40.30
CA ALA A 292 -12.37 13.60 39.72
C ALA A 292 -12.49 13.72 38.21
N MET A 293 -12.12 12.65 37.52
CA MET A 293 -12.33 12.52 36.08
C MET A 293 -13.09 11.22 35.84
N VAL A 294 -14.32 11.33 35.35
CA VAL A 294 -15.13 10.19 34.98
C VAL A 294 -15.13 10.08 33.46
N GLY A 295 -14.96 8.87 32.96
CA GLY A 295 -14.85 8.63 31.52
C GLY A 295 -15.11 7.20 31.16
N LYS A 296 -14.41 6.71 30.13
CA LYS A 296 -14.66 5.39 29.58
C LYS A 296 -13.49 4.46 29.82
N TYR A 297 -12.29 4.83 29.37
CA TYR A 297 -11.06 4.06 29.59
C TYR A 297 -10.04 5.01 30.19
N MET A 298 -10.07 5.12 31.52
CA MET A 298 -9.35 6.19 32.20
C MET A 298 -7.86 5.85 32.35
N GLU A 299 -7.56 4.68 32.90
CA GLU A 299 -6.19 4.28 33.16
C GLU A 299 -5.56 3.55 31.97
N LEU A 300 -6.21 3.58 30.81
CA LEU A 300 -5.63 2.97 29.62
C LEU A 300 -4.36 3.70 29.21
N LEU A 301 -3.44 2.97 28.60
CA LEU A 301 -2.13 3.51 28.25
C LEU A 301 -2.23 4.66 27.26
N ASP A 302 -1.91 5.87 27.72
CA ASP A 302 -1.81 7.05 26.87
C ASP A 302 -3.10 7.35 26.12
N ALA A 303 -4.25 6.97 26.70
CA ALA A 303 -5.53 7.23 26.05
C ALA A 303 -5.94 8.69 26.17
N TYR A 304 -5.64 9.33 27.29
CA TYR A 304 -5.96 10.72 27.54
C TYR A 304 -4.69 11.52 27.81
N LYS A 305 -3.66 11.28 27.01
CA LYS A 305 -2.34 11.87 27.30
C LYS A 305 -2.40 13.38 27.28
N SER A 306 -3.04 13.96 26.27
CA SER A 306 -3.08 15.42 26.17
C SER A 306 -3.87 16.05 27.30
N LEU A 307 -4.95 15.40 27.75
CA LEU A 307 -5.77 15.98 28.80
C LEU A 307 -5.10 15.90 30.15
N ILE A 308 -4.47 14.76 30.46
CA ILE A 308 -3.69 14.68 31.70
C ILE A 308 -2.51 15.64 31.66
N GLU A 309 -1.90 15.82 30.48
CA GLU A 309 -0.86 16.81 30.34
C GLU A 309 -1.39 18.21 30.61
N ALA A 310 -2.60 18.51 30.11
CA ALA A 310 -3.20 19.82 30.35
C ALA A 310 -3.46 20.04 31.83
N MET A 311 -3.93 19.00 32.53
CA MET A 311 -4.15 19.11 33.97
C MET A 311 -2.83 19.34 34.70
N THR A 312 -1.78 18.64 34.28
CA THR A 312 -0.46 18.86 34.87
C THR A 312 0.02 20.29 34.63
N HIS A 313 -0.21 20.82 33.43
CA HIS A 313 0.18 22.19 33.12
C HIS A 313 -0.58 23.18 33.99
N ALA A 314 -1.88 22.96 34.15
CA ALA A 314 -2.67 23.84 35.02
C ALA A 314 -2.19 23.77 36.46
N GLY A 315 -1.85 22.56 36.92
CA GLY A 315 -1.34 22.42 38.27
C GLY A 315 -0.01 23.11 38.50
N ILE A 316 0.93 22.94 37.56
CA ILE A 316 2.22 23.60 37.71
C ILE A 316 2.10 25.11 37.60
N GLN A 317 1.20 25.61 36.73
CA GLN A 317 1.00 27.05 36.64
C GLN A 317 0.47 27.63 37.94
N SER A 318 -0.09 26.80 38.82
CA SER A 318 -0.61 27.25 40.11
C SER A 318 0.14 26.63 41.29
N ARG A 319 1.24 25.92 41.02
CA ARG A 319 2.03 25.24 42.05
C ARG A 319 1.20 24.29 42.89
N THR A 320 0.23 23.62 42.28
CA THR A 320 -0.69 22.73 42.96
C THR A 320 -0.52 21.31 42.46
N LYS A 321 -0.48 20.36 43.38
CA LYS A 321 -0.41 18.94 43.05
C LYS A 321 -1.83 18.45 42.80
N VAL A 322 -2.19 18.29 41.52
CA VAL A 322 -3.55 17.91 41.14
C VAL A 322 -3.62 16.39 41.15
N ASN A 323 -3.89 15.84 42.33
CA ASN A 323 -4.20 14.42 42.41
C ASN A 323 -5.52 14.14 41.71
N LEU A 324 -5.59 13.02 41.00
CA LEU A 324 -6.70 12.75 40.11
C LEU A 324 -7.33 11.41 40.46
N ARG A 325 -8.66 11.40 40.56
CA ARG A 325 -9.43 10.19 40.84
C ARG A 325 -10.12 9.74 39.57
N TYR A 326 -9.67 8.61 39.03
CA TYR A 326 -10.24 8.06 37.80
C TYR A 326 -11.40 7.13 38.14
N ILE A 327 -12.57 7.46 37.62
CA ILE A 327 -13.80 6.72 37.93
C ILE A 327 -14.49 6.36 36.62
N ASP A 328 -14.87 5.09 36.49
CA ASP A 328 -15.60 4.67 35.30
C ASP A 328 -17.06 5.08 35.40
N SER A 329 -17.63 5.50 34.26
CA SER A 329 -19.01 5.96 34.26
C SER A 329 -19.98 4.83 34.61
N GLU A 330 -19.70 3.60 34.17
CA GLU A 330 -20.56 2.48 34.53
C GLU A 330 -20.56 2.23 36.03
N ASP A 331 -19.44 2.50 36.70
CA ASP A 331 -19.42 2.39 38.15
C ASP A 331 -20.38 3.38 38.78
N ILE A 332 -20.45 4.60 38.25
CA ILE A 332 -21.42 5.58 38.74
C ILE A 332 -22.83 5.11 38.44
N GLU A 333 -23.05 4.49 37.26
CA GLU A 333 -24.37 4.01 36.91
C GLU A 333 -24.85 2.93 37.88
N GLN A 334 -23.98 2.00 38.23
CA GLN A 334 -24.38 0.85 39.06
C GLN A 334 -24.20 1.08 40.55
N GLN A 335 -23.51 2.14 40.97
CA GLN A 335 -23.28 2.37 42.38
C GLN A 335 -23.79 3.71 42.88
N GLY A 336 -24.11 4.65 42.00
CA GLY A 336 -24.59 5.95 42.40
C GLY A 336 -23.47 6.98 42.47
N THR A 337 -23.87 8.24 42.59
CA THR A 337 -22.94 9.36 42.64
C THR A 337 -22.15 9.41 43.93
N SER A 338 -22.38 8.49 44.86
CA SER A 338 -21.64 8.48 46.12
C SER A 338 -20.16 8.22 45.96
N LEU A 339 -19.72 7.73 44.79
CA LEU A 339 -18.30 7.61 44.52
C LEU A 339 -17.63 8.95 44.32
N LEU A 340 -18.41 10.03 44.17
CA LEU A 340 -17.88 11.36 43.89
C LEU A 340 -17.61 12.17 45.15
N GLU A 341 -18.02 11.69 46.32
CA GLU A 341 -17.89 12.48 47.53
C GLU A 341 -16.43 12.70 47.89
N GLY A 342 -16.10 13.93 48.29
CA GLY A 342 -14.77 14.28 48.75
C GLY A 342 -13.92 15.01 47.73
N VAL A 343 -14.35 15.10 46.48
CA VAL A 343 -13.55 15.74 45.45
C VAL A 343 -13.83 17.24 45.46
N ASP A 344 -12.91 18.00 44.87
CA ASP A 344 -13.03 19.45 44.79
C ASP A 344 -13.44 19.93 43.41
N ALA A 345 -13.43 19.06 42.40
CA ALA A 345 -13.85 19.41 41.06
C ALA A 345 -14.15 18.11 40.32
N ILE A 346 -14.91 18.25 39.22
CA ILE A 346 -15.39 17.10 38.46
C ILE A 346 -15.20 17.39 36.98
N LEU A 347 -14.66 16.40 36.25
CA LEU A 347 -14.38 16.51 34.82
C LEU A 347 -15.13 15.44 34.06
N VAL A 348 -15.71 15.81 32.92
CA VAL A 348 -16.29 14.86 31.99
C VAL A 348 -15.70 15.11 30.61
N PRO A 349 -14.68 14.38 30.19
CA PRO A 349 -14.07 14.62 28.88
C PRO A 349 -14.77 13.86 27.76
N GLY A 350 -14.23 13.96 26.55
CA GLY A 350 -14.74 13.22 25.42
C GLY A 350 -14.69 11.71 25.65
N GLY A 351 -15.78 11.04 25.30
CA GLY A 351 -15.91 9.62 25.58
C GLY A 351 -15.55 8.76 24.37
N PHE A 352 -14.86 7.66 24.65
CA PHE A 352 -14.43 6.71 23.63
C PHE A 352 -15.52 5.65 23.48
N GLY A 353 -16.52 5.92 22.65
CA GLY A 353 -17.57 4.96 22.38
C GLY A 353 -18.94 5.52 22.76
N LEU A 354 -19.86 4.59 23.04
CA LEU A 354 -21.24 4.94 23.35
C LEU A 354 -21.76 4.35 24.65
N ARG A 355 -20.93 3.63 25.42
CA ARG A 355 -21.41 2.95 26.61
C ARG A 355 -21.30 3.85 27.83
N GLY A 356 -22.31 3.80 28.68
CA GLY A 356 -22.28 4.51 29.95
C GLY A 356 -22.33 6.01 29.86
N VAL A 357 -23.18 6.56 28.99
CA VAL A 357 -23.37 8.00 28.94
C VAL A 357 -24.27 8.46 30.08
N GLU A 358 -25.18 7.60 30.54
CA GLU A 358 -26.05 7.95 31.65
C GLU A 358 -25.23 8.21 32.92
N GLY A 359 -24.13 7.50 33.08
CA GLY A 359 -23.24 7.78 34.19
C GLY A 359 -22.70 9.20 34.15
N LYS A 360 -22.26 9.64 32.98
CA LYS A 360 -21.78 11.01 32.85
C LYS A 360 -22.91 12.02 33.04
N ILE A 361 -24.13 11.68 32.63
CA ILE A 361 -25.27 12.55 32.89
C ILE A 361 -25.45 12.75 34.38
N SER A 362 -25.41 11.64 35.14
CA SER A 362 -25.55 11.73 36.59
C SER A 362 -24.37 12.48 37.20
N THR A 363 -23.17 12.32 36.65
CA THR A 363 -22.02 13.06 37.14
C THR A 363 -22.19 14.56 36.96
N VAL A 364 -22.69 14.98 35.79
CA VAL A 364 -22.94 16.40 35.57
C VAL A 364 -24.01 16.90 36.53
N GLN A 365 -25.06 16.11 36.73
CA GLN A 365 -26.11 16.51 37.66
C GLN A 365 -25.55 16.71 39.07
N TYR A 366 -24.76 15.75 39.55
CA TYR A 366 -24.19 15.86 40.89
C TYR A 366 -23.24 17.04 40.99
N ALA A 367 -22.43 17.28 39.95
CA ALA A 367 -21.51 18.40 39.98
C ALA A 367 -22.25 19.74 40.04
N ARG A 368 -23.32 19.87 39.25
CA ARG A 368 -24.04 21.14 39.23
C ARG A 368 -24.80 21.37 40.53
N GLU A 369 -25.56 20.36 40.98
CA GLU A 369 -26.47 20.57 42.10
C GLU A 369 -25.72 20.83 43.40
N ASN A 370 -24.53 20.26 43.55
CA ASN A 370 -23.76 20.40 44.78
C ASN A 370 -22.69 21.48 44.69
N LYS A 371 -22.75 22.33 43.67
CA LYS A 371 -21.83 23.47 43.52
C LYS A 371 -20.38 23.02 43.57
N ILE A 372 -20.08 21.95 42.85
CA ILE A 372 -18.72 21.43 42.69
C ILE A 372 -18.23 21.82 41.30
N PRO A 373 -17.10 22.54 41.20
CA PRO A 373 -16.65 23.05 39.89
C PRO A 373 -16.57 21.99 38.81
N TYR A 374 -17.10 22.30 37.63
CA TYR A 374 -17.22 21.35 36.54
C TYR A 374 -16.69 21.94 35.24
N LEU A 375 -15.90 21.15 34.52
CA LEU A 375 -15.47 21.50 33.17
C LEU A 375 -15.71 20.30 32.26
N GLY A 376 -16.39 20.53 31.16
CA GLY A 376 -16.71 19.49 30.21
C GLY A 376 -16.06 19.75 28.87
N ILE A 377 -15.71 18.66 28.17
CA ILE A 377 -15.00 18.75 26.90
C ILE A 377 -15.71 17.83 25.90
N CYS A 378 -16.10 18.38 24.75
CA CYS A 378 -16.78 17.67 23.69
C CYS A 378 -18.03 16.97 24.19
N LEU A 379 -17.92 15.68 24.50
CA LEU A 379 -19.05 14.96 25.08
C LEU A 379 -19.48 15.57 26.41
N GLY A 380 -18.55 16.24 27.10
CA GLY A 380 -18.90 16.89 28.35
C GLY A 380 -19.96 17.95 28.17
N MET A 381 -19.79 18.82 27.17
CA MET A 381 -20.80 19.85 26.92
C MET A 381 -22.12 19.23 26.50
N GLN A 382 -22.06 18.17 25.68
CA GLN A 382 -23.28 17.53 25.22
C GLN A 382 -24.06 16.96 26.39
N VAL A 383 -23.39 16.21 27.27
CA VAL A 383 -24.09 15.64 28.41
C VAL A 383 -24.53 16.74 29.38
N ALA A 384 -23.78 17.83 29.48
CA ALA A 384 -24.22 18.94 30.32
C ALA A 384 -25.53 19.53 29.79
N VAL A 385 -25.62 19.73 28.48
CA VAL A 385 -26.85 20.26 27.89
C VAL A 385 -28.00 19.29 28.10
N ILE A 386 -27.75 17.99 27.89
CA ILE A 386 -28.80 16.99 28.07
C ILE A 386 -29.31 17.00 29.52
N GLU A 387 -28.38 16.99 30.47
CA GLU A 387 -28.78 16.96 31.88
C GLU A 387 -29.53 18.22 32.27
N TYR A 388 -29.08 19.38 31.77
CA TYR A 388 -29.76 20.62 32.10
C TYR A 388 -31.17 20.63 31.54
N ALA A 389 -31.36 20.13 30.31
CA ALA A 389 -32.70 20.02 29.76
C ALA A 389 -33.55 19.04 30.55
N ARG A 390 -32.96 17.96 31.04
CA ARG A 390 -33.72 16.96 31.78
C ARG A 390 -34.18 17.49 33.13
N ASN A 391 -33.29 18.10 33.89
CA ASN A 391 -33.56 18.39 35.30
C ASN A 391 -34.04 19.80 35.56
N VAL A 392 -34.02 20.69 34.57
CA VAL A 392 -34.56 22.03 34.75
C VAL A 392 -35.84 22.17 33.94
N LEU A 393 -35.76 21.89 32.64
CA LEU A 393 -36.90 22.05 31.77
C LEU A 393 -37.93 20.94 31.94
N GLY A 394 -37.56 19.85 32.61
CA GLY A 394 -38.48 18.75 32.80
C GLY A 394 -38.55 17.76 31.67
N TRP A 395 -37.73 17.92 30.64
CA TRP A 395 -37.70 16.97 29.53
C TRP A 395 -36.96 15.71 29.96
N SER A 396 -37.68 14.78 30.58
CA SER A 396 -37.03 13.61 31.16
C SER A 396 -36.30 12.78 30.12
N ASP A 397 -36.92 12.60 28.95
CA ASP A 397 -36.37 11.76 27.90
C ASP A 397 -35.45 12.51 26.96
N ALA A 398 -35.09 13.75 27.29
CA ALA A 398 -34.17 14.50 26.45
C ALA A 398 -32.83 13.78 26.36
N ASN A 399 -32.30 13.66 25.16
CA ASN A 399 -31.04 12.96 24.94
C ASN A 399 -30.37 13.57 23.71
N SER A 400 -29.37 12.86 23.20
CA SER A 400 -28.73 13.20 21.95
C SER A 400 -29.09 12.15 20.90
N THR A 401 -29.10 12.57 19.64
CA THR A 401 -29.36 11.61 18.56
C THR A 401 -28.26 10.57 18.45
N GLU A 402 -27.11 10.80 19.09
CA GLU A 402 -26.06 9.79 19.12
C GLU A 402 -26.53 8.53 19.86
N PHE A 403 -27.24 8.71 20.96
CA PHE A 403 -27.67 7.60 21.81
C PHE A 403 -29.13 7.23 21.64
N ASP A 404 -30.02 8.21 21.60
CA ASP A 404 -31.46 7.97 21.43
C ASP A 404 -31.97 8.88 20.33
N LYS A 405 -32.30 8.28 19.18
CA LYS A 405 -32.93 9.02 18.09
C LYS A 405 -34.44 9.11 18.24
N SER A 406 -35.03 8.31 19.12
CA SER A 406 -36.46 8.36 19.37
C SER A 406 -36.82 9.33 20.49
N SER A 407 -35.84 9.99 21.08
CA SER A 407 -36.11 10.97 22.12
C SER A 407 -36.99 12.09 21.58
N GLY A 408 -37.99 12.47 22.37
CA GLY A 408 -38.86 13.57 21.99
C GLY A 408 -38.22 14.93 22.11
N HIS A 409 -37.07 15.03 22.78
CA HIS A 409 -36.36 16.29 22.97
C HIS A 409 -34.89 16.08 22.64
N PRO A 410 -34.55 15.99 21.36
CA PRO A 410 -33.15 15.83 20.97
C PRO A 410 -32.36 17.12 21.08
N VAL A 411 -31.90 17.46 22.28
CA VAL A 411 -31.22 18.73 22.50
C VAL A 411 -29.84 18.76 21.85
N VAL A 412 -29.32 17.62 21.42
CA VAL A 412 -28.03 17.53 20.76
C VAL A 412 -28.17 16.65 19.52
N GLY A 413 -27.72 17.14 18.38
CA GLY A 413 -27.81 16.35 17.16
C GLY A 413 -27.03 16.98 16.03
N LEU A 414 -27.00 16.26 14.91
CA LEU A 414 -26.31 16.72 13.72
C LEU A 414 -27.04 17.90 13.09
N ILE A 415 -26.29 18.70 12.33
CA ILE A 415 -26.83 19.94 11.78
C ILE A 415 -27.96 19.65 10.79
N THR A 416 -27.78 18.61 9.98
CA THR A 416 -28.77 18.31 8.94
C THR A 416 -30.11 17.90 9.56
N GLU A 417 -30.07 17.28 10.74
CA GLU A 417 -31.29 16.74 11.33
C GLU A 417 -32.28 17.84 11.68
N TRP A 418 -31.80 18.96 12.21
CA TRP A 418 -32.67 20.06 12.62
C TRP A 418 -32.37 21.35 11.87
N GLN A 419 -31.70 21.27 10.73
CA GLN A 419 -31.37 22.48 9.97
C GLN A 419 -32.62 23.25 9.57
N ASP A 420 -33.56 22.56 8.94
CA ASP A 420 -34.85 23.14 8.54
C ASP A 420 -35.92 22.13 8.96
N ALA A 421 -36.39 22.27 10.19
CA ALA A 421 -37.35 21.33 10.78
C ALA A 421 -38.47 22.10 11.43
N THR A 422 -39.65 21.47 11.46
CA THR A 422 -40.82 22.11 12.06
C THR A 422 -40.66 22.26 13.57
N GLY A 423 -40.08 21.26 14.22
CA GLY A 423 -39.87 21.30 15.65
C GLY A 423 -40.04 19.95 16.27
N ALA A 424 -39.57 19.84 17.51
CA ALA A 424 -39.68 18.62 18.32
C ALA A 424 -38.88 17.51 17.63
N THR A 425 -39.44 16.31 17.48
CA THR A 425 -38.70 15.15 16.97
C THR A 425 -38.78 15.08 15.44
N GLU A 426 -38.30 16.14 14.80
CA GLU A 426 -38.20 16.15 13.33
C GLU A 426 -36.80 15.71 12.90
N ILE A 427 -36.40 14.55 13.41
CA ILE A 427 -35.11 13.96 13.08
C ILE A 427 -35.27 13.16 11.80
N ARG A 428 -34.45 13.48 10.80
CA ARG A 428 -34.56 12.81 9.51
C ARG A 428 -33.89 11.46 9.49
N THR A 429 -33.19 11.08 10.57
CA THR A 429 -32.50 9.80 10.72
C THR A 429 -31.64 9.56 9.48
N GLU A 430 -31.64 8.35 8.91
CA GLU A 430 -30.84 8.01 7.74
C GLU A 430 -29.35 8.20 7.98
N ALA A 431 -28.95 8.31 9.25
CA ALA A 431 -27.56 8.42 9.69
C ALA A 431 -26.93 9.75 9.25
N SER A 432 -27.68 10.58 8.52
CA SER A 432 -27.20 11.86 8.03
C SER A 432 -25.83 11.71 7.37
N ASP A 433 -25.77 10.99 6.26
CA ASP A 433 -24.48 10.74 5.61
C ASP A 433 -23.93 12.02 5.01
N LEU A 434 -22.97 12.64 5.70
CA LEU A 434 -22.35 13.86 5.21
C LEU A 434 -20.83 13.72 5.22
N GLY A 435 -20.29 13.06 6.25
CA GLY A 435 -18.85 12.89 6.38
C GLY A 435 -18.15 14.12 6.90
N GLY A 436 -18.47 15.29 6.33
CA GLY A 436 -17.90 16.54 6.77
C GLY A 436 -18.58 17.14 7.98
N THR A 437 -19.60 16.48 8.53
CA THR A 437 -20.23 16.97 9.75
C THR A 437 -19.23 16.99 10.90
N MET A 438 -18.20 16.14 10.82
CA MET A 438 -17.16 16.13 11.85
C MET A 438 -16.31 17.38 11.74
N ARG A 439 -16.60 18.37 12.59
CA ARG A 439 -15.72 19.52 12.74
C ARG A 439 -14.39 19.06 13.31
N LEU A 440 -13.32 19.39 12.59
CA LEU A 440 -11.96 18.96 12.91
C LEU A 440 -11.01 20.14 12.73
N GLY A 441 -10.06 20.26 13.64
CA GLY A 441 -9.03 21.25 13.51
C GLY A 441 -9.40 22.61 14.10
N ALA A 442 -8.60 23.60 13.75
CA ALA A 442 -8.76 24.92 14.35
C ALA A 442 -9.97 25.64 13.78
N GLN A 443 -10.80 26.17 14.66
CA GLN A 443 -11.90 27.04 14.28
C GLN A 443 -11.99 28.19 15.28
N GLU A 444 -12.54 29.29 14.82
CA GLU A 444 -12.73 30.45 15.68
C GLU A 444 -13.89 30.23 16.63
N CYS A 445 -13.93 31.06 17.67
CA CYS A 445 -14.99 30.97 18.68
C CYS A 445 -15.13 32.34 19.33
N GLN A 446 -16.32 32.91 19.26
CA GLN A 446 -16.59 34.21 19.87
C GLN A 446 -17.14 34.01 21.27
N LEU A 447 -16.54 34.71 22.23
CA LEU A 447 -16.87 34.57 23.65
C LEU A 447 -17.68 35.78 24.10
N GLN A 448 -18.81 35.51 24.74
CA GLN A 448 -19.62 36.59 25.29
C GLN A 448 -18.88 37.27 26.43
N THR A 449 -18.99 38.60 26.49
CA THR A 449 -18.29 39.36 27.53
C THR A 449 -18.90 39.07 28.90
N GLY A 450 -18.05 39.02 29.91
CA GLY A 450 -18.50 38.87 31.28
C GLY A 450 -18.77 37.46 31.74
N THR A 451 -18.43 36.45 30.95
CA THR A 451 -18.64 35.06 31.32
C THR A 451 -17.33 34.44 31.81
N LEU A 452 -17.44 33.26 32.41
CA LEU A 452 -16.26 32.59 32.95
C LEU A 452 -15.24 32.31 31.86
N VAL A 453 -15.69 31.84 30.69
CA VAL A 453 -14.76 31.56 29.61
C VAL A 453 -14.09 32.84 29.12
N HIS A 454 -14.81 33.96 29.14
CA HIS A 454 -14.18 35.23 28.78
C HIS A 454 -13.21 35.70 29.86
N ASP A 455 -13.53 35.43 31.13
CA ASP A 455 -12.60 35.78 32.21
C ASP A 455 -11.31 34.99 32.08
N CYS A 456 -11.41 33.71 31.70
CA CYS A 456 -10.21 32.89 31.55
C CYS A 456 -9.42 33.27 30.30
N TYR A 457 -10.05 33.16 29.12
CA TYR A 457 -9.32 33.41 27.88
C TYR A 457 -8.92 34.87 27.71
N ALA A 458 -9.64 35.80 28.33
CA ALA A 458 -9.31 37.22 28.35
C ALA A 458 -9.33 37.85 26.96
N LYS A 459 -9.96 37.21 25.99
CA LYS A 459 -10.08 37.77 24.65
C LYS A 459 -11.47 37.51 24.11
N ASP A 460 -11.91 38.40 23.22
CA ASP A 460 -13.27 38.30 22.69
C ASP A 460 -13.40 37.19 21.66
N VAL A 461 -12.39 36.97 20.84
CA VAL A 461 -12.40 35.93 19.82
C VAL A 461 -11.18 35.04 20.03
N ILE A 462 -11.40 33.74 20.20
CA ILE A 462 -10.32 32.79 20.40
C ILE A 462 -10.34 31.79 19.26
N VAL A 463 -9.32 30.93 19.20
CA VAL A 463 -9.22 29.88 18.20
C VAL A 463 -8.88 28.58 18.90
N GLU A 464 -9.68 27.54 18.64
CA GLU A 464 -9.45 26.26 19.32
C GLU A 464 -9.70 25.07 18.41
N ARG A 465 -9.28 23.90 18.83
CA ARG A 465 -9.27 22.70 18.00
C ARG A 465 -10.51 21.86 18.30
N HIS A 466 -11.21 21.48 17.24
CA HIS A 466 -12.44 20.70 17.32
C HIS A 466 -12.18 19.28 16.84
N ARG A 467 -12.89 18.33 17.45
CA ARG A 467 -13.07 16.99 16.89
C ARG A 467 -14.42 16.51 17.39
N HIS A 468 -15.46 16.77 16.60
CA HIS A 468 -16.81 16.41 17.08
C HIS A 468 -17.80 16.50 15.93
N ARG A 469 -18.82 15.66 16.00
CA ARG A 469 -19.89 15.61 15.00
C ARG A 469 -21.21 16.16 15.49
N TYR A 470 -21.57 15.90 16.74
CA TYR A 470 -22.88 16.25 17.26
C TYR A 470 -22.86 17.65 17.85
N GLU A 471 -23.81 18.49 17.42
CA GLU A 471 -23.90 19.87 17.83
C GLU A 471 -25.13 20.08 18.72
N VAL A 472 -25.28 21.33 19.18
CA VAL A 472 -26.42 21.68 20.01
C VAL A 472 -27.59 22.05 19.11
N ASN A 473 -28.76 21.47 19.38
CA ASN A 473 -29.94 21.69 18.56
C ASN A 473 -30.43 23.12 18.75
N ASN A 474 -30.35 23.93 17.71
CA ASN A 474 -30.75 25.33 17.77
C ASN A 474 -32.26 25.50 17.77
N ASN A 475 -33.02 24.49 17.37
CA ASN A 475 -34.47 24.58 17.38
C ASN A 475 -35.05 24.53 18.79
N LEU A 476 -34.29 24.04 19.76
CA LEU A 476 -34.72 24.03 21.15
C LEU A 476 -33.83 24.87 22.05
N LEU A 477 -32.79 25.50 21.52
CA LEU A 477 -31.86 26.28 22.32
C LEU A 477 -32.50 27.44 23.08
N PRO A 478 -33.42 28.24 22.49
CA PRO A 478 -33.99 29.38 23.24
C PRO A 478 -34.66 28.98 24.55
N GLN A 479 -35.31 27.82 24.59
CA GLN A 479 -35.92 27.36 25.83
C GLN A 479 -34.87 27.12 26.90
N LEU A 480 -33.75 26.51 26.51
CA LEU A 480 -32.65 26.33 27.46
C LEU A 480 -32.08 27.67 27.89
N GLU A 481 -31.95 28.61 26.95
CA GLU A 481 -31.40 29.92 27.28
C GLU A 481 -32.26 30.64 28.30
N GLN A 482 -33.57 30.64 28.10
CA GLN A 482 -34.50 31.26 29.04
C GLN A 482 -34.73 30.41 30.29
N ALA A 483 -34.26 29.16 30.29
CA ALA A 483 -34.29 28.34 31.49
C ALA A 483 -33.11 28.62 32.41
N GLY A 484 -32.15 29.43 31.98
CA GLY A 484 -30.99 29.78 32.78
C GLY A 484 -29.68 29.27 32.23
N LEU A 485 -29.70 28.40 31.23
CA LEU A 485 -28.46 27.87 30.68
C LEU A 485 -27.74 28.97 29.90
N LYS A 486 -26.58 29.36 30.39
CA LYS A 486 -25.84 30.46 29.76
C LYS A 486 -25.11 29.96 28.53
N ILE A 487 -25.22 30.71 27.43
CA ILE A 487 -24.45 30.41 26.23
C ILE A 487 -23.27 31.38 26.18
N SER A 488 -22.14 30.95 26.73
CA SER A 488 -20.99 31.82 26.92
C SER A 488 -20.05 31.84 25.73
N GLY A 489 -20.29 31.01 24.73
CA GLY A 489 -19.45 31.05 23.55
C GLY A 489 -20.06 30.35 22.35
N ARG A 490 -19.93 30.98 21.18
CA ARG A 490 -20.49 30.45 19.94
C ARG A 490 -19.39 30.36 18.90
N SER A 491 -19.74 29.81 17.74
CA SER A 491 -18.75 29.55 16.70
C SER A 491 -18.24 30.86 16.11
N GLY A 492 -17.31 30.74 15.16
CA GLY A 492 -16.72 31.91 14.54
C GLY A 492 -17.72 32.79 13.83
N ASP A 493 -18.86 32.23 13.43
CA ASP A 493 -19.94 33.01 12.82
C ASP A 493 -21.16 33.13 13.71
N GLY A 494 -21.20 32.45 14.85
CA GLY A 494 -22.31 32.54 15.77
C GLY A 494 -23.45 31.57 15.52
N ALA A 495 -23.32 30.68 14.54
CA ALA A 495 -24.43 29.79 14.19
C ALA A 495 -24.57 28.66 15.20
N LEU A 496 -23.45 28.17 15.75
CA LEU A 496 -23.46 26.98 16.59
C LEU A 496 -23.00 27.31 18.00
N VAL A 497 -23.51 26.54 18.95
CA VAL A 497 -23.17 26.69 20.36
C VAL A 497 -21.81 26.06 20.61
N GLU A 498 -20.95 26.79 21.32
CA GLU A 498 -19.59 26.31 21.59
C GLU A 498 -19.36 26.02 23.07
N VAL A 499 -19.51 27.00 23.96
CA VAL A 499 -19.28 26.79 25.38
C VAL A 499 -20.47 27.32 26.17
N VAL A 500 -20.89 26.55 27.18
CA VAL A 500 -22.05 26.85 27.99
C VAL A 500 -21.63 26.90 29.46
N GLU A 501 -22.46 27.56 30.26
CA GLU A 501 -22.18 27.80 31.67
C GLU A 501 -23.45 27.67 32.48
N ALA A 502 -23.31 27.29 33.76
CA ALA A 502 -24.44 27.22 34.67
C ALA A 502 -24.74 28.60 35.25
N PRO A 503 -26.00 28.86 35.64
CA PRO A 503 -26.35 30.22 36.07
C PRO A 503 -25.97 30.55 37.51
N GLU A 504 -25.99 29.56 38.40
CA GLU A 504 -25.76 29.78 39.83
C GLU A 504 -24.70 28.82 40.35
N HIS A 505 -23.59 28.74 39.63
CA HIS A 505 -22.51 27.82 39.98
C HIS A 505 -21.22 28.59 40.19
N PRO A 506 -20.39 28.18 41.16
CA PRO A 506 -19.08 28.82 41.31
C PRO A 506 -18.23 28.72 40.06
N TRP A 507 -18.26 27.58 39.39
CA TRP A 507 -17.52 27.40 38.14
C TRP A 507 -18.10 26.21 37.40
N PHE A 508 -18.68 26.46 36.23
CA PHE A 508 -19.29 25.39 35.44
C PHE A 508 -19.15 25.80 33.98
N VAL A 509 -18.15 25.24 33.30
CA VAL A 509 -17.86 25.58 31.91
C VAL A 509 -17.81 24.30 31.11
N ALA A 510 -18.52 24.28 29.98
CA ALA A 510 -18.54 23.12 29.10
C ALA A 510 -18.24 23.58 27.68
N CYS A 511 -17.12 23.11 27.13
CA CYS A 511 -16.63 23.52 25.82
C CYS A 511 -16.72 22.36 24.85
N GLN A 512 -17.19 22.65 23.63
CA GLN A 512 -17.27 21.62 22.61
C GLN A 512 -15.89 21.25 22.07
N PHE A 513 -15.00 22.24 21.97
CA PHE A 513 -13.66 21.99 21.48
C PHE A 513 -12.80 21.34 22.56
N HIS A 514 -11.60 20.94 22.16
CA HIS A 514 -10.66 20.33 23.09
C HIS A 514 -9.55 21.30 23.41
N PRO A 515 -9.59 21.94 24.59
CA PRO A 515 -8.53 22.89 24.94
C PRO A 515 -7.22 22.21 25.32
N GLU A 516 -7.26 20.93 25.72
CA GLU A 516 -6.07 20.21 26.13
C GLU A 516 -5.05 20.07 25.02
N PHE A 517 -5.44 20.25 23.77
CA PHE A 517 -4.54 20.11 22.65
C PHE A 517 -3.61 21.31 22.49
N THR A 518 -4.05 22.50 22.90
CA THR A 518 -3.22 23.69 22.86
C THR A 518 -2.59 24.00 24.22
N SER A 519 -2.68 23.09 25.19
CA SER A 519 -2.09 23.29 26.50
C SER A 519 -0.63 22.86 26.47
N THR A 520 0.25 23.68 27.02
CA THR A 520 1.68 23.48 27.05
C THR A 520 2.19 23.62 28.48
N PRO A 521 3.34 23.03 28.80
CA PRO A 521 3.83 23.10 30.18
C PRO A 521 4.43 24.44 30.56
N ARG A 522 5.03 25.13 29.59
CA ARG A 522 5.68 26.40 29.88
C ARG A 522 4.74 27.59 29.78
N ASP A 523 3.52 27.40 29.28
CA ASP A 523 2.58 28.49 29.13
C ASP A 523 1.21 28.19 29.73
N GLY A 524 0.90 26.93 29.99
CA GLY A 524 -0.36 26.55 30.57
C GLY A 524 -1.53 26.81 29.62
N HIS A 525 -2.73 26.77 30.19
CA HIS A 525 -3.95 27.07 29.47
C HIS A 525 -4.86 27.87 30.39
N PRO A 526 -5.37 29.02 29.93
CA PRO A 526 -6.25 29.83 30.79
C PRO A 526 -7.48 29.09 31.29
N LEU A 527 -8.08 28.25 30.45
CA LEU A 527 -9.28 27.53 30.86
C LEU A 527 -8.99 26.54 31.97
N PHE A 528 -7.96 25.71 31.78
CA PHE A 528 -7.59 24.74 32.80
C PHE A 528 -7.08 25.42 34.06
N SER A 529 -6.35 26.53 33.91
CA SER A 529 -5.90 27.27 35.07
C SER A 529 -7.08 27.82 35.86
N GLY A 530 -8.09 28.36 35.18
CA GLY A 530 -9.27 28.84 35.88
C GLY A 530 -10.03 27.72 36.56
N PHE A 531 -10.12 26.57 35.89
CA PHE A 531 -10.79 25.41 36.49
C PHE A 531 -10.06 24.95 37.76
N VAL A 532 -8.72 24.92 37.70
CA VAL A 532 -7.95 24.49 38.87
C VAL A 532 -8.03 25.51 39.99
N ASN A 533 -8.04 26.81 39.67
CA ASN A 533 -8.24 27.82 40.71
C ASN A 533 -9.64 27.73 41.32
N ALA A 534 -10.64 27.37 40.52
CA ALA A 534 -11.97 27.14 41.07
C ALA A 534 -11.96 25.96 42.03
N ALA A 535 -11.28 24.88 41.67
CA ALA A 535 -11.12 23.77 42.60
C ALA A 535 -10.39 24.19 43.87
N LEU A 536 -9.39 25.05 43.71
CA LEU A 536 -8.65 25.58 44.88
C LEU A 536 -9.64 26.39 45.74
N LYS A 537 -10.50 27.18 45.10
CA LYS A 537 -11.52 27.95 45.85
C LYS A 537 -12.43 26.96 46.59
N TYR A 538 -12.88 25.90 45.91
CA TYR A 538 -13.76 24.90 46.55
C TYR A 538 -13.00 24.21 47.68
N SER A 539 -11.74 23.83 47.43
CA SER A 539 -10.94 23.12 48.46
C SER A 539 -10.90 23.95 49.75
N GLY A 540 -11.08 23.30 50.91
CA GLY A 540 -11.08 24.01 52.20
C GLY A 540 -12.41 24.69 52.45
N LYS A 541 -12.83 25.56 51.52
CA LYS A 541 -14.14 26.26 51.66
C LYS A 541 -15.26 25.22 51.71
N ALA A 542 -15.21 24.21 50.85
CA ALA A 542 -16.24 23.15 50.82
C ALA A 542 -15.60 21.79 50.51
N MET B 1 -10.32 -31.48 -0.74
CA MET B 1 -9.39 -30.54 -0.15
C MET B 1 -8.24 -30.25 -1.11
N THR B 2 -8.22 -29.03 -1.64
CA THR B 2 -7.24 -28.66 -2.64
C THR B 2 -5.83 -28.69 -2.07
N ARG B 3 -4.86 -29.01 -2.93
CA ARG B 3 -3.46 -29.07 -2.57
C ARG B 3 -2.67 -28.10 -3.43
N TYR B 4 -1.59 -27.57 -2.87
CA TYR B 4 -0.84 -26.48 -3.49
C TYR B 4 0.62 -26.86 -3.64
N ILE B 5 1.20 -26.47 -4.77
CA ILE B 5 2.65 -26.53 -4.99
C ILE B 5 3.12 -25.11 -5.23
N PHE B 6 4.10 -24.67 -4.44
CA PHE B 6 4.63 -23.32 -4.55
C PHE B 6 5.93 -23.34 -5.34
N VAL B 7 6.10 -22.34 -6.20
CA VAL B 7 7.27 -22.23 -7.07
C VAL B 7 7.94 -20.89 -6.78
N THR B 8 9.27 -20.93 -6.61
CA THR B 8 10.03 -19.74 -6.28
C THR B 8 11.29 -19.70 -7.14
N GLY B 9 11.94 -18.54 -7.16
CA GLY B 9 13.17 -18.34 -7.88
C GLY B 9 14.33 -18.04 -6.95
N GLY B 10 15.55 -18.24 -7.45
CA GLY B 10 16.73 -18.04 -6.64
C GLY B 10 17.93 -17.55 -7.42
N VAL B 11 18.85 -16.87 -6.73
CA VAL B 11 20.10 -16.35 -7.27
C VAL B 11 19.82 -15.19 -8.22
N VAL B 12 19.27 -15.49 -9.39
CA VAL B 12 18.99 -14.50 -10.43
C VAL B 12 17.60 -14.79 -11.00
N SER B 13 16.96 -13.75 -11.53
CA SER B 13 15.66 -13.89 -12.15
C SER B 13 15.83 -14.54 -13.53
N SER B 14 14.74 -14.59 -14.30
CA SER B 14 14.75 -15.15 -15.65
C SER B 14 15.20 -16.61 -15.65
N LEU B 15 14.87 -17.34 -14.59
CA LEU B 15 15.20 -18.76 -14.52
C LEU B 15 14.24 -19.60 -15.35
N GLY B 16 12.97 -19.22 -15.42
CA GLY B 16 11.98 -20.05 -16.07
C GLY B 16 10.99 -20.62 -15.08
N LYS B 17 10.64 -19.85 -14.06
CA LYS B 17 9.67 -20.29 -13.07
C LYS B 17 8.34 -20.65 -13.73
N GLY B 18 7.86 -19.75 -14.61
CA GLY B 18 6.60 -19.99 -15.27
C GLY B 18 6.63 -21.21 -16.19
N ILE B 19 7.74 -21.36 -16.92
CA ILE B 19 7.86 -22.50 -17.82
C ILE B 19 7.88 -23.81 -17.04
N ALA B 20 8.63 -23.86 -15.93
CA ALA B 20 8.68 -25.07 -15.11
C ALA B 20 7.32 -25.37 -14.48
N SER B 21 6.63 -24.34 -13.99
CA SER B 21 5.32 -24.54 -13.41
C SER B 21 4.33 -25.05 -14.44
N ALA B 22 4.36 -24.46 -15.65
CA ALA B 22 3.47 -24.92 -16.71
C ALA B 22 3.80 -26.35 -17.13
N SER B 23 5.08 -26.69 -17.15
CA SER B 23 5.49 -28.05 -17.49
C SER B 23 4.95 -29.04 -16.46
N LEU B 24 5.07 -28.71 -15.18
CA LEU B 24 4.49 -29.58 -14.15
C LEU B 24 2.98 -29.68 -14.30
N ALA B 25 2.33 -28.56 -14.62
CA ALA B 25 0.89 -28.59 -14.81
C ALA B 25 0.51 -29.51 -15.96
N ALA B 26 1.24 -29.44 -17.07
CA ALA B 26 0.98 -30.33 -18.20
C ALA B 26 1.21 -31.78 -17.80
N ILE B 27 2.28 -32.04 -17.04
CA ILE B 27 2.58 -33.41 -16.63
C ILE B 27 1.43 -33.98 -15.80
N LEU B 28 0.96 -33.22 -14.82
CA LEU B 28 -0.13 -33.71 -13.98
C LEU B 28 -1.46 -33.73 -14.73
N GLU B 29 -1.61 -32.90 -15.76
CA GLU B 29 -2.79 -33.00 -16.61
C GLU B 29 -2.78 -34.30 -17.39
N ALA B 30 -1.60 -34.74 -17.85
CA ALA B 30 -1.48 -36.03 -18.50
C ALA B 30 -1.81 -37.19 -17.57
N ARG B 31 -1.85 -36.96 -16.26
CA ARG B 31 -2.23 -37.97 -15.30
C ARG B 31 -3.72 -37.94 -14.95
N GLY B 32 -4.50 -37.09 -15.62
CA GLY B 32 -5.92 -37.01 -15.40
C GLY B 32 -6.36 -36.02 -14.35
N LEU B 33 -5.43 -35.43 -13.60
CA LEU B 33 -5.78 -34.45 -12.58
C LEU B 33 -6.18 -33.12 -13.22
N LYS B 34 -7.05 -32.38 -12.53
CA LYS B 34 -7.45 -31.05 -12.95
C LYS B 34 -6.52 -30.05 -12.25
N ILE B 35 -5.66 -29.41 -13.04
CA ILE B 35 -4.59 -28.58 -12.51
C ILE B 35 -4.91 -27.12 -12.82
N THR B 36 -4.61 -26.24 -11.86
CA THR B 36 -4.70 -24.81 -12.10
C THR B 36 -3.41 -24.15 -11.64
N MET B 37 -3.18 -22.93 -12.13
CA MET B 37 -1.97 -22.19 -11.79
C MET B 37 -2.30 -20.75 -11.44
N LEU B 38 -1.45 -20.16 -10.60
CA LEU B 38 -1.57 -18.79 -10.15
C LEU B 38 -0.23 -18.10 -10.26
N LYS B 39 -0.26 -16.79 -10.49
CA LYS B 39 0.95 -15.97 -10.57
C LYS B 39 0.82 -14.82 -9.58
N LEU B 40 1.84 -14.67 -8.73
CA LEU B 40 1.89 -13.59 -7.76
C LEU B 40 3.06 -12.68 -8.12
N ASP B 41 2.77 -11.41 -8.34
CA ASP B 41 3.78 -10.47 -8.81
C ASP B 41 4.21 -9.56 -7.67
N PRO B 42 5.49 -9.48 -7.34
CA PRO B 42 5.96 -8.64 -6.23
C PRO B 42 6.25 -7.21 -6.66
N TYR B 43 5.30 -6.60 -7.36
CA TYR B 43 5.37 -5.17 -7.64
C TYR B 43 4.02 -4.54 -7.30
N ILE B 44 4.05 -3.26 -6.99
CA ILE B 44 2.88 -2.59 -6.43
C ILE B 44 2.05 -1.94 -7.53
N ASN B 45 2.32 -2.31 -8.78
CA ASN B 45 1.40 -1.98 -9.86
C ASN B 45 0.12 -2.78 -9.68
N VAL B 46 -1.03 -2.12 -9.75
CA VAL B 46 -2.29 -2.82 -9.48
C VAL B 46 -2.52 -3.91 -10.51
N ASP B 47 -2.33 -3.59 -11.78
CA ASP B 47 -2.32 -4.58 -12.85
C ASP B 47 -1.21 -4.25 -13.81
N PRO B 48 -0.71 -5.24 -14.56
CA PRO B 48 0.35 -4.96 -15.55
C PRO B 48 -0.11 -4.19 -16.76
N GLY B 49 -1.35 -3.69 -16.78
CA GLY B 49 -1.85 -2.98 -17.95
C GLY B 49 -1.06 -1.73 -18.27
N THR B 50 -0.68 -0.96 -17.25
CA THR B 50 0.10 0.25 -17.47
C THR B 50 1.57 -0.03 -17.77
N MET B 51 2.07 -1.20 -17.40
CA MET B 51 3.49 -1.49 -17.49
C MET B 51 3.94 -1.56 -18.96
N SER B 52 5.12 -1.01 -19.21
CA SER B 52 5.72 -1.08 -20.53
C SER B 52 6.37 -2.45 -20.74
N PRO B 53 6.51 -2.88 -22.00
CA PRO B 53 7.15 -4.18 -22.26
C PRO B 53 8.62 -4.24 -21.89
N PHE B 54 9.28 -3.10 -21.68
CA PHE B 54 10.69 -3.12 -21.31
C PHE B 54 10.91 -3.76 -19.95
N GLN B 55 9.92 -3.65 -19.05
CA GLN B 55 10.10 -4.12 -17.69
C GLN B 55 9.96 -5.64 -17.59
N HIS B 56 8.77 -6.16 -17.88
CA HIS B 56 8.51 -7.58 -17.74
C HIS B 56 7.86 -8.17 -18.99
N GLY B 57 8.25 -7.69 -20.18
CA GLY B 57 7.76 -8.27 -21.40
C GLY B 57 6.31 -7.91 -21.68
N GLU B 58 5.64 -8.81 -22.40
CA GLU B 58 4.29 -8.54 -22.91
C GLU B 58 3.28 -8.49 -21.77
N VAL B 59 2.11 -7.98 -22.09
CA VAL B 59 0.98 -7.90 -21.16
C VAL B 59 -0.10 -8.83 -21.72
N PHE B 60 -0.15 -10.05 -21.19
CA PHE B 60 -1.12 -11.03 -21.63
C PHE B 60 -2.54 -10.59 -21.25
N VAL B 61 -3.50 -11.00 -22.06
CA VAL B 61 -4.91 -10.70 -21.83
C VAL B 61 -5.68 -12.01 -21.71
N THR B 62 -6.43 -12.15 -20.62
CA THR B 62 -7.23 -13.33 -20.38
C THR B 62 -8.63 -13.15 -20.96
N GLN B 63 -9.40 -14.24 -20.96
CA GLN B 63 -10.74 -14.20 -21.55
C GLN B 63 -11.68 -13.30 -20.76
N ASP B 64 -11.59 -13.34 -19.43
CA ASP B 64 -12.52 -12.55 -18.62
C ASP B 64 -12.29 -11.05 -18.74
N GLY B 65 -11.20 -10.61 -19.33
CA GLY B 65 -10.94 -9.21 -19.53
C GLY B 65 -9.91 -8.58 -18.62
N ALA B 66 -8.83 -9.29 -18.31
CA ALA B 66 -7.79 -8.80 -17.42
C ALA B 66 -6.44 -8.82 -18.10
N GLU B 67 -5.67 -7.75 -17.91
CA GLU B 67 -4.29 -7.69 -18.37
C GLU B 67 -3.40 -8.28 -17.28
N THR B 68 -2.79 -9.41 -17.57
CA THR B 68 -2.06 -10.21 -16.58
C THR B 68 -0.62 -10.39 -17.02
N ASP B 69 0.16 -11.05 -16.15
CA ASP B 69 1.53 -11.37 -16.45
C ASP B 69 1.61 -12.38 -17.61
N LEU B 70 2.68 -12.28 -18.39
CA LEU B 70 2.83 -13.12 -19.56
C LEU B 70 2.90 -14.60 -19.21
N ASP B 71 3.30 -14.94 -17.97
CA ASP B 71 3.42 -16.33 -17.59
C ASP B 71 2.09 -17.06 -17.72
N LEU B 72 0.98 -16.37 -17.49
CA LEU B 72 -0.33 -16.99 -17.66
C LEU B 72 -0.49 -17.58 -19.06
N GLY B 73 0.08 -16.93 -20.06
CA GLY B 73 0.05 -17.47 -21.41
C GLY B 73 0.64 -18.86 -21.44
N HIS B 74 1.83 -19.03 -20.86
CA HIS B 74 2.42 -20.36 -20.76
C HIS B 74 1.43 -21.34 -20.15
N TYR B 75 0.71 -20.90 -19.12
CA TYR B 75 -0.28 -21.74 -18.48
C TYR B 75 -1.28 -22.27 -19.50
N GLU B 76 -1.89 -21.36 -20.26
CA GLU B 76 -2.89 -21.78 -21.24
C GLU B 76 -2.28 -22.62 -22.35
N ARG B 77 -0.97 -22.53 -22.56
CA ARG B 77 -0.32 -23.34 -23.58
C ARG B 77 0.10 -24.72 -23.08
N PHE B 78 -0.01 -24.98 -21.77
CA PHE B 78 0.39 -26.28 -21.26
C PHE B 78 -0.75 -27.08 -20.66
N VAL B 79 -1.85 -26.43 -20.27
CA VAL B 79 -3.07 -27.11 -19.90
C VAL B 79 -4.23 -26.45 -20.62
N ARG B 80 -5.32 -27.19 -20.76
CA ARG B 80 -6.52 -26.69 -21.44
C ARG B 80 -7.50 -26.06 -20.45
N THR B 81 -6.98 -25.14 -19.63
CA THR B 81 -7.77 -24.42 -18.66
C THR B 81 -7.74 -22.93 -18.98
N THR B 82 -8.90 -22.30 -18.88
CA THR B 82 -9.05 -20.87 -19.13
C THR B 82 -8.65 -20.11 -17.88
N MET B 83 -7.79 -19.12 -18.05
CA MET B 83 -7.30 -18.30 -16.93
C MET B 83 -8.12 -17.04 -16.82
N THR B 84 -8.40 -16.63 -15.59
CA THR B 84 -9.14 -15.42 -15.27
C THR B 84 -8.28 -14.52 -14.38
N GLN B 85 -8.87 -13.39 -13.98
CA GLN B 85 -8.17 -12.44 -13.14
C GLN B 85 -7.83 -13.00 -11.77
N ASN B 86 -8.48 -14.07 -11.34
CA ASN B 86 -8.19 -14.65 -10.03
C ASN B 86 -6.89 -15.42 -10.01
N ASN B 87 -6.37 -15.81 -11.17
CA ASN B 87 -5.15 -16.60 -11.25
C ASN B 87 -3.89 -15.77 -11.41
N ASN B 88 -3.99 -14.44 -11.34
CA ASN B 88 -2.82 -13.58 -11.35
C ASN B 88 -3.13 -12.31 -10.57
N PHE B 89 -2.26 -11.98 -9.63
CA PHE B 89 -2.43 -10.71 -8.91
C PHE B 89 -1.10 -10.24 -8.37
N THR B 90 -1.11 -9.01 -7.84
CA THR B 90 0.08 -8.26 -7.52
C THR B 90 0.00 -7.74 -6.10
N THR B 91 1.16 -7.36 -5.56
CA THR B 91 1.20 -6.75 -4.23
C THR B 91 0.39 -5.47 -4.19
N GLY B 92 0.40 -4.71 -5.29
CA GLY B 92 -0.35 -3.46 -5.33
C GLY B 92 -1.84 -3.68 -5.16
N ARG B 93 -2.38 -4.72 -5.81
CA ARG B 93 -3.80 -5.01 -5.66
C ARG B 93 -4.14 -5.35 -4.22
N VAL B 94 -3.31 -6.17 -3.58
CA VAL B 94 -3.54 -6.53 -2.18
C VAL B 94 -3.53 -5.28 -1.31
N TYR B 95 -2.52 -4.43 -1.48
CA TYR B 95 -2.42 -3.25 -0.64
C TYR B 95 -3.59 -2.30 -0.87
N MET B 96 -3.99 -2.11 -2.14
CA MET B 96 -5.10 -1.22 -2.43
C MET B 96 -6.40 -1.75 -1.84
N ASP B 97 -6.65 -3.06 -1.96
CA ASP B 97 -7.87 -3.62 -1.38
C ASP B 97 -7.88 -3.50 0.13
N VAL B 98 -6.74 -3.77 0.78
CA VAL B 98 -6.70 -3.65 2.24
C VAL B 98 -6.86 -2.19 2.66
N LEU B 99 -6.30 -1.26 1.89
CA LEU B 99 -6.49 0.16 2.19
C LEU B 99 -7.95 0.56 2.05
N ARG B 100 -8.63 0.04 1.02
CA ARG B 100 -10.04 0.36 0.84
C ARG B 100 -10.88 -0.23 1.97
N LYS B 101 -10.55 -1.45 2.41
CA LYS B 101 -11.26 -2.03 3.54
C LYS B 101 -11.02 -1.22 4.81
N GLU B 102 -9.77 -0.79 5.04
CA GLU B 102 -9.48 0.00 6.23
C GLU B 102 -10.20 1.33 6.22
N ARG B 103 -10.26 1.98 5.05
CA ARG B 103 -11.05 3.21 4.95
C ARG B 103 -12.53 2.93 5.17
N ARG B 104 -13.00 1.75 4.78
CA ARG B 104 -14.37 1.35 5.05
C ARG B 104 -14.60 0.96 6.50
N GLY B 105 -13.54 0.89 7.31
CA GLY B 105 -13.68 0.60 8.72
C GLY B 105 -13.97 -0.84 9.06
N ASP B 106 -13.78 -1.77 8.11
CA ASP B 106 -14.09 -3.17 8.37
C ASP B 106 -13.16 -3.79 9.42
N TYR B 107 -12.05 -3.15 9.72
CA TYR B 107 -11.11 -3.68 10.71
C TYR B 107 -11.42 -3.21 12.12
N LEU B 108 -12.40 -2.31 12.29
CA LEU B 108 -12.94 -1.93 13.59
C LEU B 108 -11.86 -1.39 14.52
N GLY B 109 -11.20 -0.34 14.05
CA GLY B 109 -10.21 0.34 14.86
C GLY B 109 -9.04 -0.52 15.26
N ALA B 110 -8.48 -1.27 14.31
CA ALA B 110 -7.34 -2.13 14.58
C ALA B 110 -6.15 -1.67 13.77
N THR B 111 -4.95 -1.90 14.32
CA THR B 111 -3.72 -1.56 13.63
C THR B 111 -3.54 -2.52 12.46
N VAL B 112 -3.85 -2.08 11.26
CA VAL B 112 -3.69 -2.88 10.06
C VAL B 112 -2.20 -2.94 9.72
N GLN B 113 -1.71 -4.14 9.42
CA GLN B 113 -0.29 -4.40 9.26
C GLN B 113 -0.07 -5.39 8.13
N VAL B 114 1.22 -5.59 7.79
CA VAL B 114 1.59 -6.60 6.82
C VAL B 114 1.20 -7.98 7.33
N ILE B 115 1.49 -8.25 8.60
CA ILE B 115 1.06 -9.46 9.28
C ILE B 115 0.08 -9.04 10.37
N PRO B 116 -1.13 -9.61 10.41
CA PRO B 116 -1.64 -10.69 9.56
C PRO B 116 -2.55 -10.21 8.42
N HIS B 117 -2.82 -8.92 8.29
CA HIS B 117 -3.86 -8.47 7.36
C HIS B 117 -3.46 -8.72 5.91
N ILE B 118 -2.26 -8.28 5.52
CA ILE B 118 -1.82 -8.45 4.13
C ILE B 118 -1.70 -9.94 3.81
N THR B 119 -1.08 -10.71 4.70
CA THR B 119 -0.96 -12.14 4.46
C THR B 119 -2.32 -12.82 4.40
N ASP B 120 -3.27 -12.36 5.23
CA ASP B 120 -4.62 -12.91 5.15
C ASP B 120 -5.25 -12.66 3.79
N GLU B 121 -5.10 -11.44 3.27
CA GLU B 121 -5.66 -11.14 1.95
C GLU B 121 -4.98 -11.97 0.87
N ILE B 122 -3.66 -12.12 0.96
CA ILE B 122 -2.93 -12.92 -0.02
C ILE B 122 -3.40 -14.37 0.00
N LYS B 123 -3.56 -14.93 1.20
CA LYS B 123 -4.04 -16.30 1.32
C LYS B 123 -5.45 -16.43 0.76
N ARG B 124 -6.32 -15.47 1.07
CA ARG B 124 -7.69 -15.52 0.55
C ARG B 124 -7.69 -15.50 -0.97
N ARG B 125 -6.88 -14.63 -1.57
CA ARG B 125 -6.82 -14.56 -3.02
C ARG B 125 -6.24 -15.84 -3.61
N ILE B 126 -5.25 -16.44 -2.95
CA ILE B 126 -4.69 -17.70 -3.44
C ILE B 126 -5.76 -18.80 -3.43
N ILE B 127 -6.50 -18.91 -2.33
CA ILE B 127 -7.55 -19.93 -2.26
C ILE B 127 -8.63 -19.67 -3.29
N LYS B 128 -9.01 -18.40 -3.48
CA LYS B 128 -10.01 -18.07 -4.49
C LYS B 128 -9.54 -18.45 -5.88
N GLY B 129 -8.28 -18.18 -6.20
CA GLY B 129 -7.75 -18.59 -7.49
C GLY B 129 -7.63 -20.08 -7.65
N ALA B 130 -7.38 -20.81 -6.57
CA ALA B 130 -7.27 -22.25 -6.65
C ALA B 130 -8.57 -22.90 -7.11
N GLY B 131 -9.69 -22.45 -6.57
CA GLY B 131 -10.97 -22.99 -6.99
C GLY B 131 -11.13 -24.44 -6.57
N ASP B 132 -11.75 -25.24 -7.43
CA ASP B 132 -12.03 -26.64 -7.17
C ASP B 132 -10.95 -27.57 -7.69
N ALA B 133 -9.87 -27.02 -8.25
CA ALA B 133 -8.85 -27.86 -8.88
C ALA B 133 -8.17 -28.75 -7.85
N ASP B 134 -7.79 -29.95 -8.30
CA ASP B 134 -7.12 -30.89 -7.40
C ASP B 134 -5.77 -30.35 -6.95
N VAL B 135 -5.03 -29.71 -7.85
CA VAL B 135 -3.71 -29.18 -7.54
C VAL B 135 -3.57 -27.78 -8.14
N ALA B 136 -3.09 -26.84 -7.33
CA ALA B 136 -2.84 -25.47 -7.76
C ALA B 136 -1.35 -25.17 -7.62
N LEU B 137 -0.74 -24.71 -8.70
CA LEU B 137 0.66 -24.33 -8.71
C LEU B 137 0.74 -22.81 -8.61
N VAL B 138 1.22 -22.31 -7.48
CA VAL B 138 1.32 -20.87 -7.24
C VAL B 138 2.77 -20.46 -7.46
N GLU B 139 3.00 -19.61 -8.47
CA GLU B 139 4.33 -19.13 -8.79
C GLU B 139 4.54 -17.77 -8.14
N ILE B 140 5.71 -17.55 -7.57
CA ILE B 140 6.07 -16.31 -6.89
C ILE B 140 7.08 -15.57 -7.75
N GLY B 141 6.74 -14.35 -8.14
CA GLY B 141 7.66 -13.56 -8.94
C GLY B 141 8.82 -13.04 -8.12
N GLY B 142 9.88 -12.65 -8.83
CA GLY B 142 11.07 -12.18 -8.17
C GLY B 142 11.89 -13.32 -7.62
N THR B 143 13.04 -12.96 -7.03
CA THR B 143 13.95 -13.91 -6.44
C THR B 143 13.99 -13.71 -4.93
N VAL B 144 14.19 -14.80 -4.20
CA VAL B 144 14.25 -14.72 -2.74
C VAL B 144 15.45 -13.85 -2.35
N GLY B 145 15.28 -13.14 -1.24
CA GLY B 145 16.23 -12.14 -0.81
C GLY B 145 15.79 -10.72 -1.07
N ASP B 146 14.89 -10.52 -2.03
CA ASP B 146 14.28 -9.22 -2.24
C ASP B 146 13.16 -9.01 -1.23
N ILE B 147 13.09 -7.80 -0.68
CA ILE B 147 12.06 -7.49 0.31
C ILE B 147 10.68 -7.36 -0.29
N GLU B 148 10.58 -7.31 -1.63
CA GLU B 148 9.28 -7.20 -2.27
C GLU B 148 8.48 -8.49 -2.20
N SER B 149 9.18 -9.64 -2.21
CA SER B 149 8.52 -10.93 -2.22
C SER B 149 8.33 -11.52 -0.82
N GLN B 150 8.77 -10.83 0.22
CA GLN B 150 8.61 -11.36 1.57
C GLN B 150 7.17 -11.60 1.98
N PRO B 151 6.20 -10.71 1.69
CA PRO B 151 4.81 -11.04 2.05
C PRO B 151 4.32 -12.34 1.43
N PHE B 152 4.65 -12.60 0.16
CA PHE B 152 4.24 -13.85 -0.46
C PHE B 152 4.89 -15.05 0.23
N LEU B 153 6.17 -14.92 0.57
CA LEU B 153 6.88 -16.02 1.21
C LEU B 153 6.29 -16.31 2.58
N GLU B 154 5.97 -15.26 3.35
CA GLU B 154 5.33 -15.46 4.64
C GLU B 154 3.95 -16.08 4.49
N ALA B 155 3.19 -15.65 3.48
CA ALA B 155 1.86 -16.22 3.27
C ALA B 155 1.94 -17.71 2.93
N ILE B 156 2.87 -18.08 2.05
CA ILE B 156 2.97 -19.50 1.70
C ILE B 156 3.52 -20.31 2.88
N ARG B 157 4.37 -19.70 3.71
CA ARG B 157 4.81 -20.39 4.92
C ARG B 157 3.62 -20.63 5.85
N GLN B 158 2.75 -19.63 6.01
CA GLN B 158 1.57 -19.80 6.85
C GLN B 158 0.67 -20.89 6.28
N LEU B 159 0.48 -20.91 4.97
CA LEU B 159 -0.33 -21.95 4.35
C LEU B 159 0.26 -23.32 4.59
N ARG B 160 1.57 -23.46 4.40
CA ARG B 160 2.24 -24.74 4.62
C ARG B 160 2.08 -25.21 6.05
N VAL B 161 2.19 -24.28 7.01
CA VAL B 161 2.00 -24.64 8.41
C VAL B 161 0.56 -25.08 8.65
N GLU B 162 -0.40 -24.38 8.07
CA GLU B 162 -1.81 -24.60 8.40
C GLU B 162 -2.40 -25.85 7.75
N ILE B 163 -1.99 -26.20 6.52
CA ILE B 163 -2.58 -27.34 5.84
C ILE B 163 -1.65 -28.54 5.81
N GLY B 164 -0.48 -28.47 6.42
CA GLY B 164 0.40 -29.61 6.55
C GLY B 164 1.15 -29.93 5.27
N ALA B 165 2.08 -30.89 5.39
CA ALA B 165 2.92 -31.27 4.26
C ALA B 165 2.17 -32.11 3.24
N LYS B 166 1.04 -32.71 3.62
CA LYS B 166 0.24 -33.49 2.68
C LYS B 166 -0.43 -32.63 1.63
N ARG B 167 -0.44 -31.30 1.80
CA ARG B 167 -1.13 -30.43 0.87
C ARG B 167 -0.27 -29.25 0.41
N ALA B 168 1.04 -29.30 0.63
CA ALA B 168 1.91 -28.19 0.25
C ALA B 168 3.32 -28.68 0.00
N MET B 169 3.94 -28.14 -1.05
CA MET B 169 5.34 -28.38 -1.37
C MET B 169 5.98 -27.07 -1.79
N LEU B 170 7.32 -27.07 -1.80
CA LEU B 170 8.09 -25.91 -2.24
C LEU B 170 9.07 -26.38 -3.31
N MET B 171 8.82 -25.96 -4.55
CA MET B 171 9.72 -26.22 -5.67
C MET B 171 10.49 -24.93 -5.94
N HIS B 172 11.77 -24.93 -5.58
CA HIS B 172 12.61 -23.75 -5.68
C HIS B 172 13.52 -23.87 -6.89
N LEU B 173 13.40 -22.93 -7.81
CA LEU B 173 14.27 -22.87 -8.98
C LEU B 173 15.51 -22.06 -8.64
N THR B 174 16.67 -22.66 -8.85
CA THR B 174 17.95 -22.03 -8.53
C THR B 174 18.90 -22.30 -9.68
N LEU B 175 19.87 -21.40 -9.85
CA LEU B 175 20.83 -21.49 -10.94
C LEU B 175 22.16 -21.98 -10.40
N VAL B 176 22.72 -22.99 -11.06
CA VAL B 176 24.11 -23.39 -10.81
C VAL B 176 24.93 -22.90 -12.00
N PRO B 177 25.91 -22.04 -11.76
CA PRO B 177 26.65 -21.45 -12.89
C PRO B 177 27.86 -22.30 -13.26
N TYR B 178 28.16 -22.30 -14.55
CA TYR B 178 29.41 -22.89 -15.03
C TYR B 178 30.47 -21.81 -15.08
N ILE B 179 31.53 -21.97 -14.29
CA ILE B 179 32.63 -21.03 -14.26
C ILE B 179 33.66 -21.50 -15.28
N ALA B 180 33.89 -20.69 -16.32
CA ALA B 180 34.77 -21.11 -17.41
C ALA B 180 36.19 -21.31 -16.91
N THR B 181 36.68 -20.40 -16.07
CA THR B 181 38.05 -20.50 -15.57
C THR B 181 38.27 -21.74 -14.72
N ALA B 182 37.23 -22.25 -14.07
CA ALA B 182 37.35 -23.43 -13.22
C ALA B 182 36.96 -24.71 -13.94
N GLY B 183 36.21 -24.63 -15.04
CA GLY B 183 35.79 -25.82 -15.75
C GLY B 183 34.86 -26.73 -14.98
N GLU B 184 33.99 -26.15 -14.16
CA GLU B 184 33.02 -26.93 -13.40
C GLU B 184 31.91 -26.00 -12.93
N THR B 185 30.82 -26.60 -12.45
CA THR B 185 29.70 -25.86 -11.91
C THR B 185 29.83 -25.73 -10.40
N LYS B 186 29.34 -24.62 -9.88
CA LYS B 186 29.42 -24.31 -8.46
C LYS B 186 28.04 -24.35 -7.83
N THR B 187 27.93 -25.01 -6.68
CA THR B 187 26.68 -25.07 -5.94
C THR B 187 26.58 -24.04 -4.83
N LYS B 188 27.62 -23.23 -4.63
CA LYS B 188 27.62 -22.26 -3.52
C LYS B 188 26.50 -21.23 -3.61
N PRO B 189 26.23 -20.57 -4.74
CA PRO B 189 25.09 -19.64 -4.77
C PRO B 189 23.76 -20.33 -4.49
N THR B 190 23.61 -21.58 -4.92
CA THR B 190 22.40 -22.33 -4.57
C THR B 190 22.30 -22.55 -3.07
N GLN B 191 23.42 -22.88 -2.43
CA GLN B 191 23.43 -23.03 -0.98
C GLN B 191 23.07 -21.72 -0.29
N HIS B 192 23.56 -20.60 -0.83
CA HIS B 192 23.20 -19.29 -0.27
C HIS B 192 21.71 -19.03 -0.41
N SER B 193 21.13 -19.36 -1.56
CA SER B 193 19.70 -19.16 -1.74
C SER B 193 18.90 -20.04 -0.80
N VAL B 194 19.33 -21.29 -0.61
CA VAL B 194 18.64 -22.17 0.32
C VAL B 194 18.76 -21.66 1.75
N LYS B 195 19.91 -21.10 2.11
CA LYS B 195 20.05 -20.48 3.43
C LYS B 195 19.13 -19.30 3.59
N GLU B 196 19.00 -18.47 2.54
CA GLU B 196 18.07 -17.36 2.59
C GLU B 196 16.64 -17.83 2.78
N LEU B 197 16.26 -18.91 2.10
CA LEU B 197 14.94 -19.49 2.29
C LEU B 197 14.76 -20.05 3.69
N ARG B 198 15.79 -20.67 4.26
CA ARG B 198 15.69 -21.24 5.60
C ARG B 198 15.57 -20.14 6.65
N SER B 199 16.23 -19.00 6.43
CA SER B 199 16.19 -17.90 7.38
C SER B 199 14.80 -17.27 7.49
N ILE B 200 13.92 -17.51 6.53
CA ILE B 200 12.55 -17.00 6.58
C ILE B 200 11.55 -18.11 6.87
N GLY B 201 12.03 -19.24 7.39
CA GLY B 201 11.14 -20.31 7.80
C GLY B 201 10.60 -21.19 6.71
N LEU B 202 11.17 -21.12 5.51
CA LEU B 202 10.74 -21.94 4.38
C LEU B 202 11.84 -22.94 4.04
N GLN B 203 11.48 -24.22 4.04
CA GLN B 203 12.40 -25.28 3.64
C GLN B 203 11.95 -25.84 2.30
N PRO B 204 12.71 -25.65 1.23
CA PRO B 204 12.31 -26.18 -0.07
C PRO B 204 12.25 -27.70 -0.04
N ASP B 205 11.29 -28.25 -0.76
CA ASP B 205 11.15 -29.70 -0.89
C ASP B 205 11.74 -30.24 -2.18
N VAL B 206 11.71 -29.46 -3.25
CA VAL B 206 12.33 -29.83 -4.52
C VAL B 206 13.20 -28.68 -5.00
N LEU B 207 14.35 -29.00 -5.58
CA LEU B 207 15.27 -28.03 -6.13
C LEU B 207 15.39 -28.25 -7.62
N VAL B 208 15.15 -27.20 -8.40
CA VAL B 208 15.26 -27.24 -9.85
C VAL B 208 16.52 -26.47 -10.24
N CYS B 209 17.55 -27.19 -10.65
CA CYS B 209 18.86 -26.62 -10.96
C CYS B 209 18.90 -26.22 -12.43
N ARG B 210 19.10 -24.94 -12.69
CA ARG B 210 19.17 -24.41 -14.04
C ARG B 210 20.62 -24.13 -14.41
N SER B 211 21.02 -24.56 -15.59
CA SER B 211 22.39 -24.33 -16.04
C SER B 211 22.43 -24.45 -17.55
N ASP B 212 23.46 -23.83 -18.14
CA ASP B 212 23.74 -23.97 -19.56
C ASP B 212 24.70 -25.12 -19.85
N HIS B 213 25.15 -25.82 -18.82
CA HIS B 213 26.04 -26.96 -18.92
C HIS B 213 25.46 -28.10 -18.10
N PRO B 214 25.84 -29.34 -18.40
CA PRO B 214 25.24 -30.49 -17.70
C PRO B 214 25.48 -30.44 -16.20
N ILE B 215 24.49 -30.90 -15.45
CA ILE B 215 24.59 -31.01 -14.00
C ILE B 215 24.87 -32.46 -13.64
N ASP B 216 26.08 -32.74 -13.17
CA ASP B 216 26.49 -34.11 -12.94
C ASP B 216 25.95 -34.64 -11.62
N VAL B 217 26.12 -35.95 -11.42
CA VAL B 217 25.50 -36.62 -10.28
C VAL B 217 26.14 -36.20 -8.96
N SER B 218 27.45 -35.98 -8.93
CA SER B 218 28.11 -35.61 -7.69
C SER B 218 27.63 -34.27 -7.18
N SER B 219 27.42 -33.32 -8.10
CA SER B 219 26.86 -32.03 -7.71
C SER B 219 25.45 -32.20 -7.13
N ARG B 220 24.66 -33.10 -7.72
CA ARG B 220 23.33 -33.37 -7.18
C ARG B 220 23.41 -33.96 -5.78
N ARG B 221 24.36 -34.88 -5.55
CA ARG B 221 24.52 -35.45 -4.22
C ARG B 221 24.92 -34.38 -3.21
N LYS B 222 25.87 -33.51 -3.59
CA LYS B 222 26.31 -32.45 -2.69
C LYS B 222 25.16 -31.48 -2.39
N ILE B 223 24.39 -31.12 -3.41
CA ILE B 223 23.30 -30.17 -3.22
C ILE B 223 22.18 -30.79 -2.40
N ALA B 224 22.00 -32.12 -2.48
CA ALA B 224 20.98 -32.77 -1.67
C ALA B 224 21.41 -32.88 -0.21
N LEU B 225 22.69 -33.17 0.02
CA LEU B 225 23.16 -33.31 1.40
C LEU B 225 23.29 -31.95 2.08
N PHE B 226 23.69 -30.91 1.34
CA PHE B 226 23.90 -29.59 1.90
C PHE B 226 22.59 -28.81 2.05
N THR B 227 21.46 -29.38 1.65
CA THR B 227 20.16 -28.76 1.89
C THR B 227 19.18 -29.65 2.63
N ASN B 228 19.59 -30.86 3.04
CA ASN B 228 18.72 -31.79 3.75
C ASN B 228 17.46 -32.09 2.94
N VAL B 229 17.67 -32.47 1.68
CA VAL B 229 16.60 -32.82 0.75
C VAL B 229 16.91 -34.18 0.16
N GLU B 230 15.88 -35.01 0.02
CA GLU B 230 16.05 -36.36 -0.51
C GLU B 230 16.58 -36.29 -1.94
N GLU B 231 17.44 -37.27 -2.28
CA GLU B 231 18.22 -37.20 -3.51
C GLU B 231 17.34 -37.09 -4.74
N ARG B 232 16.30 -37.92 -4.85
CA ARG B 232 15.46 -37.90 -6.04
C ARG B 232 14.69 -36.61 -6.20
N ALA B 233 14.64 -35.76 -5.16
CA ALA B 233 14.00 -34.46 -5.25
C ALA B 233 14.96 -33.38 -5.73
N VAL B 234 16.04 -33.78 -6.40
CA VAL B 234 16.95 -32.82 -7.01
C VAL B 234 16.83 -32.94 -8.53
N ILE B 235 16.04 -32.05 -9.12
CA ILE B 235 15.76 -32.10 -10.55
C ILE B 235 16.71 -31.16 -11.27
N ALA B 236 17.36 -31.66 -12.31
CA ALA B 236 18.27 -30.87 -13.12
C ALA B 236 17.56 -30.52 -14.43
N LEU B 237 17.34 -29.22 -14.65
CA LEU B 237 16.68 -28.73 -15.87
C LEU B 237 17.67 -27.82 -16.59
N GLU B 238 18.26 -28.32 -17.66
CA GLU B 238 19.28 -27.61 -18.41
C GLU B 238 18.63 -26.82 -19.56
N ASP B 239 19.44 -26.00 -20.21
CA ASP B 239 18.99 -25.31 -21.41
C ASP B 239 18.64 -26.33 -22.48
N VAL B 240 17.41 -26.28 -22.96
CA VAL B 240 16.88 -27.29 -23.86
C VAL B 240 16.70 -26.70 -25.26
N ASP B 241 16.53 -27.59 -26.23
CA ASP B 241 16.31 -27.17 -27.61
C ASP B 241 14.89 -26.64 -27.81
N THR B 242 13.93 -27.09 -27.01
CA THR B 242 12.58 -26.56 -27.07
C THR B 242 11.92 -26.76 -25.71
N ILE B 243 11.01 -25.85 -25.36
CA ILE B 243 10.40 -25.88 -24.04
C ILE B 243 9.45 -27.06 -23.91
N TYR B 244 8.82 -27.47 -25.00
CA TYR B 244 7.82 -28.54 -24.95
C TYR B 244 8.42 -29.89 -24.58
N ARG B 245 9.74 -30.04 -24.65
CA ARG B 245 10.40 -31.25 -24.19
C ARG B 245 10.63 -31.28 -22.69
N ILE B 246 10.48 -30.14 -22.01
CA ILE B 246 10.71 -30.10 -20.56
C ILE B 246 9.82 -31.07 -19.82
N PRO B 247 8.52 -31.19 -20.12
CA PRO B 247 7.70 -32.20 -19.40
C PRO B 247 8.26 -33.61 -19.51
N SER B 248 8.87 -33.96 -20.64
CA SER B 248 9.49 -35.27 -20.75
C SER B 248 10.64 -35.41 -19.76
N VAL B 249 11.57 -34.46 -19.76
CA VAL B 249 12.77 -34.55 -18.93
C VAL B 249 12.38 -34.69 -17.47
N LEU B 250 11.48 -33.81 -17.01
CA LEU B 250 11.03 -33.89 -15.63
C LEU B 250 10.42 -35.24 -15.33
N HIS B 251 9.61 -35.77 -16.27
CA HIS B 251 9.01 -37.08 -16.07
C HIS B 251 10.10 -38.14 -15.94
N ALA B 252 11.21 -37.98 -16.68
CA ALA B 252 12.29 -38.95 -16.60
C ALA B 252 12.98 -38.95 -15.25
N GLN B 253 12.74 -37.93 -14.42
CA GLN B 253 13.35 -37.86 -13.10
C GLN B 253 12.35 -38.15 -11.98
N GLY B 254 11.15 -38.60 -12.33
CA GLY B 254 10.17 -39.01 -11.33
C GLY B 254 9.71 -37.91 -10.41
N LEU B 255 9.65 -36.68 -10.90
CA LEU B 255 9.18 -35.57 -10.06
C LEU B 255 7.67 -35.62 -9.88
N ASP B 256 6.94 -35.99 -10.94
CA ASP B 256 5.53 -36.26 -10.79
C ASP B 256 5.28 -37.37 -9.78
N ASP B 257 6.18 -38.36 -9.74
CA ASP B 257 6.11 -39.40 -8.72
C ASP B 257 6.23 -38.81 -7.33
N ILE B 258 7.16 -37.87 -7.14
CA ILE B 258 7.31 -37.21 -5.85
C ILE B 258 6.04 -36.46 -5.49
N VAL B 259 5.44 -35.77 -6.46
CA VAL B 259 4.23 -35.00 -6.19
C VAL B 259 3.10 -35.92 -5.75
N VAL B 260 2.87 -37.00 -6.49
CA VAL B 260 1.74 -37.87 -6.15
C VAL B 260 2.00 -38.59 -4.84
N GLU B 261 3.25 -38.95 -4.56
CA GLU B 261 3.57 -39.60 -3.29
C GLU B 261 3.32 -38.67 -2.11
N ARG B 262 3.82 -37.43 -2.20
CA ARG B 262 3.62 -36.48 -1.12
C ARG B 262 2.15 -36.15 -0.92
N PHE B 263 1.42 -35.96 -2.02
CA PHE B 263 0.01 -35.59 -1.92
C PHE B 263 -0.90 -36.80 -1.71
N GLY B 264 -0.40 -38.02 -1.88
CA GLY B 264 -1.22 -39.21 -1.71
C GLY B 264 -2.37 -39.29 -2.69
N LEU B 265 -2.10 -39.01 -3.96
CA LEU B 265 -3.12 -39.03 -5.01
C LEU B 265 -3.17 -40.40 -5.66
N GLU B 266 -4.33 -40.71 -6.25
CA GLU B 266 -4.55 -41.97 -6.96
C GLU B 266 -5.05 -41.64 -8.36
N CYS B 267 -4.19 -41.76 -9.36
CA CYS B 267 -4.57 -41.56 -10.75
C CYS B 267 -3.60 -42.31 -11.64
N GLY B 268 -3.99 -42.45 -12.90
CA GLY B 268 -3.24 -43.26 -13.84
C GLY B 268 -1.88 -42.69 -14.16
N GLN B 269 -1.07 -43.52 -14.80
CA GLN B 269 0.29 -43.12 -15.18
C GLN B 269 0.25 -42.02 -16.22
N ALA B 270 1.28 -41.18 -16.21
CA ALA B 270 1.34 -40.04 -17.12
C ALA B 270 1.48 -40.50 -18.56
N ASP B 271 0.67 -39.93 -19.45
CA ASP B 271 0.72 -40.23 -20.88
C ASP B 271 1.14 -38.96 -21.60
N LEU B 272 2.41 -38.90 -22.01
CA LEU B 272 2.98 -37.74 -22.66
C LEU B 272 3.06 -37.90 -24.17
N SER B 273 2.14 -38.67 -24.75
CA SER B 273 2.18 -38.93 -26.18
C SER B 273 2.00 -37.65 -26.99
N GLU B 274 1.07 -36.79 -26.56
CA GLU B 274 0.82 -35.56 -27.32
C GLU B 274 2.03 -34.64 -27.30
N TRP B 275 2.67 -34.48 -26.14
CA TRP B 275 3.85 -33.64 -26.07
C TRP B 275 5.02 -34.27 -26.83
N ASP B 276 5.08 -35.60 -26.88
CA ASP B 276 6.04 -36.25 -27.74
C ASP B 276 5.79 -35.90 -29.20
N ARG B 277 4.52 -35.85 -29.61
CA ARG B 277 4.20 -35.43 -30.97
C ARG B 277 4.64 -34.00 -31.21
N VAL B 278 4.42 -33.12 -30.23
CA VAL B 278 4.80 -31.72 -30.39
C VAL B 278 6.31 -31.59 -30.54
N VAL B 279 7.08 -32.27 -29.69
CA VAL B 279 8.53 -32.15 -29.76
C VAL B 279 9.05 -32.78 -31.04
N ASP B 280 8.44 -33.88 -31.48
CA ASP B 280 8.85 -34.51 -32.74
C ASP B 280 8.59 -33.58 -33.92
N ALA B 281 7.44 -32.92 -33.95
CA ALA B 281 7.13 -32.00 -35.03
C ALA B 281 7.93 -30.70 -34.94
N LYS B 282 8.46 -30.36 -33.77
CA LYS B 282 9.30 -29.18 -33.63
C LYS B 282 10.75 -29.42 -34.02
N LEU B 283 11.39 -30.47 -33.50
CA LEU B 283 12.80 -30.70 -33.79
C LEU B 283 13.05 -31.37 -35.12
N ASN B 284 12.01 -31.84 -35.81
CA ASN B 284 12.15 -32.53 -37.10
C ASN B 284 11.17 -31.94 -38.11
N PRO B 285 11.47 -30.75 -38.63
CA PRO B 285 10.61 -30.17 -39.67
C PRO B 285 10.97 -30.71 -41.05
N GLU B 286 10.06 -30.49 -41.99
CA GLU B 286 10.27 -30.89 -43.37
C GLU B 286 10.33 -29.70 -44.33
N ARG B 287 9.39 -28.76 -44.23
CA ARG B 287 9.38 -27.59 -45.09
C ARG B 287 10.13 -26.45 -44.40
N GLU B 288 10.22 -25.31 -45.09
CA GLU B 288 10.96 -24.18 -44.57
C GLU B 288 10.48 -22.90 -45.25
N VAL B 289 10.17 -21.88 -44.44
CA VAL B 289 9.66 -20.60 -44.93
C VAL B 289 10.19 -19.51 -44.02
N THR B 290 10.47 -18.35 -44.62
CA THR B 290 10.93 -17.17 -43.89
C THR B 290 9.82 -16.13 -43.96
N ILE B 291 9.34 -15.69 -42.79
CA ILE B 291 8.26 -14.72 -42.69
C ILE B 291 8.80 -13.45 -42.04
N ALA B 292 8.55 -12.31 -42.66
CA ALA B 292 9.00 -11.04 -42.13
C ALA B 292 8.16 -10.62 -40.93
N MET B 293 8.77 -9.83 -40.06
CA MET B 293 8.10 -9.31 -38.86
C MET B 293 8.55 -7.87 -38.66
N VAL B 294 7.61 -6.93 -38.74
CA VAL B 294 7.91 -5.50 -38.65
C VAL B 294 7.13 -4.91 -37.48
N GLY B 295 7.82 -4.15 -36.65
CA GLY B 295 7.21 -3.51 -35.49
C GLY B 295 8.14 -2.49 -34.89
N LYS B 296 8.15 -2.44 -33.56
CA LYS B 296 8.93 -1.43 -32.85
C LYS B 296 10.04 -2.07 -32.01
N TYR B 297 9.73 -3.06 -31.19
CA TYR B 297 10.71 -3.74 -30.34
C TYR B 297 10.53 -5.24 -30.54
N MET B 298 11.26 -5.79 -31.51
CA MET B 298 11.06 -7.19 -31.89
C MET B 298 11.85 -8.14 -30.99
N GLU B 299 13.17 -7.97 -30.96
CA GLU B 299 14.03 -8.86 -30.18
C GLU B 299 14.04 -8.51 -28.70
N LEU B 300 13.17 -7.61 -28.26
CA LEU B 300 13.07 -7.30 -26.84
C LEU B 300 12.59 -8.54 -26.09
N LEU B 301 13.11 -8.73 -24.88
CA LEU B 301 12.85 -9.92 -24.10
C LEU B 301 11.36 -10.12 -23.84
N ASP B 302 10.79 -11.18 -24.43
CA ASP B 302 9.42 -11.60 -24.17
C ASP B 302 8.41 -10.50 -24.51
N ALA B 303 8.79 -9.60 -25.43
CA ALA B 303 7.88 -8.53 -25.82
C ALA B 303 6.69 -9.06 -26.60
N TYR B 304 6.90 -10.07 -27.44
CA TYR B 304 5.84 -10.68 -28.24
C TYR B 304 5.83 -12.20 -28.04
N LYS B 305 5.88 -12.62 -26.78
CA LYS B 305 6.00 -14.05 -26.49
C LYS B 305 4.82 -14.83 -27.03
N SER B 306 3.61 -14.32 -26.82
CA SER B 306 2.42 -15.02 -27.29
C SER B 306 2.37 -15.08 -28.81
N LEU B 307 2.77 -14.00 -29.49
CA LEU B 307 2.73 -14.00 -30.95
C LEU B 307 3.72 -15.01 -31.55
N ILE B 308 4.95 -15.00 -31.04
CA ILE B 308 5.95 -15.95 -31.54
C ILE B 308 5.55 -17.38 -31.19
N GLU B 309 4.99 -17.58 -30.00
CA GLU B 309 4.50 -18.91 -29.65
C GLU B 309 3.39 -19.36 -30.59
N ALA B 310 2.47 -18.46 -30.94
CA ALA B 310 1.39 -18.80 -31.84
C ALA B 310 1.92 -19.16 -33.23
N MET B 311 2.90 -18.41 -33.72
CA MET B 311 3.44 -18.70 -35.05
C MET B 311 4.24 -20.00 -35.03
N THR B 312 4.90 -20.30 -33.91
CA THR B 312 5.52 -21.62 -33.77
C THR B 312 4.48 -22.73 -33.77
N HIS B 313 3.35 -22.52 -33.12
CA HIS B 313 2.27 -23.51 -33.15
C HIS B 313 1.75 -23.70 -34.56
N ALA B 314 1.59 -22.61 -35.30
CA ALA B 314 1.13 -22.70 -36.68
C ALA B 314 2.13 -23.48 -37.53
N GLY B 315 3.43 -23.21 -37.36
CA GLY B 315 4.43 -23.95 -38.10
C GLY B 315 4.54 -25.39 -37.66
N ILE B 316 4.15 -25.69 -36.43
CA ILE B 316 4.24 -27.06 -35.93
C ILE B 316 3.01 -27.88 -36.31
N GLN B 317 1.88 -27.23 -36.59
CA GLN B 317 0.73 -27.95 -37.12
C GLN B 317 0.92 -28.32 -38.59
N SER B 318 1.88 -27.69 -39.27
CA SER B 318 2.14 -27.95 -40.67
C SER B 318 3.57 -28.44 -40.93
N ARG B 319 4.30 -28.80 -39.88
CA ARG B 319 5.65 -29.35 -39.97
C ARG B 319 6.60 -28.47 -40.76
N THR B 320 6.57 -27.16 -40.52
CA THR B 320 7.46 -26.20 -41.15
C THR B 320 8.28 -25.47 -40.09
N LYS B 321 9.56 -25.29 -40.36
CA LYS B 321 10.42 -24.46 -39.52
C LYS B 321 10.24 -23.02 -39.99
N VAL B 322 9.53 -22.23 -39.19
CA VAL B 322 9.16 -20.86 -39.58
C VAL B 322 10.30 -19.96 -39.16
N ASN B 323 11.24 -19.74 -40.09
CA ASN B 323 12.29 -18.75 -39.87
C ASN B 323 11.67 -17.36 -39.80
N LEU B 324 12.22 -16.52 -38.94
CA LEU B 324 11.68 -15.19 -38.69
C LEU B 324 12.73 -14.15 -38.98
N ARG B 325 12.35 -13.11 -39.73
CA ARG B 325 13.20 -11.97 -39.99
C ARG B 325 12.57 -10.75 -39.32
N TYR B 326 13.25 -10.19 -38.33
CA TYR B 326 12.75 -9.04 -37.59
C TYR B 326 13.37 -7.77 -38.16
N ILE B 327 12.52 -6.88 -38.68
CA ILE B 327 12.95 -5.61 -39.24
C ILE B 327 12.23 -4.50 -38.48
N ASP B 328 12.99 -3.53 -37.98
CA ASP B 328 12.39 -2.39 -37.31
C ASP B 328 11.67 -1.51 -38.32
N SER B 329 10.56 -0.91 -37.89
CA SER B 329 9.79 -0.05 -38.79
C SER B 329 10.59 1.18 -39.21
N GLU B 330 11.38 1.74 -38.30
CA GLU B 330 12.18 2.92 -38.64
C GLU B 330 13.24 2.57 -39.69
N ASP B 331 13.71 1.33 -39.71
CA ASP B 331 14.62 0.91 -40.77
C ASP B 331 13.94 0.99 -42.13
N ILE B 332 12.67 0.57 -42.20
CA ILE B 332 11.92 0.69 -43.44
C ILE B 332 11.68 2.16 -43.78
N GLU B 333 11.44 2.99 -42.76
CA GLU B 333 11.19 4.40 -43.00
C GLU B 333 12.41 5.08 -43.61
N GLN B 334 13.59 4.85 -43.02
CA GLN B 334 14.80 5.54 -43.45
C GLN B 334 15.62 4.80 -44.47
N GLN B 335 15.18 3.61 -44.92
CA GLN B 335 15.89 2.85 -45.93
C GLN B 335 15.01 2.38 -47.08
N GLY B 336 13.70 2.42 -46.95
CA GLY B 336 12.81 1.93 -47.97
C GLY B 336 12.35 0.50 -47.69
N THR B 337 11.36 0.08 -48.45
CA THR B 337 10.77 -1.26 -48.32
C THR B 337 11.65 -2.35 -48.90
N SER B 338 12.77 -1.99 -49.50
CA SER B 338 13.65 -2.97 -50.14
C SER B 338 14.20 -4.01 -49.16
N LEU B 339 14.17 -3.73 -47.86
CA LEU B 339 14.60 -4.70 -46.87
C LEU B 339 13.66 -5.90 -46.78
N LEU B 340 12.45 -5.81 -47.35
CA LEU B 340 11.47 -6.87 -47.22
C LEU B 340 11.52 -7.89 -48.36
N GLU B 341 12.32 -7.65 -49.40
CA GLU B 341 12.35 -8.57 -50.53
C GLU B 341 12.94 -9.92 -50.11
N GLY B 342 12.46 -10.98 -50.75
CA GLY B 342 12.93 -12.33 -50.48
C GLY B 342 12.10 -13.11 -49.49
N VAL B 343 11.17 -12.47 -48.78
CA VAL B 343 10.35 -13.16 -47.79
C VAL B 343 9.15 -13.78 -48.48
N ASP B 344 8.48 -14.67 -47.76
CA ASP B 344 7.30 -15.36 -48.29
C ASP B 344 6.00 -14.93 -47.62
N ALA B 345 6.08 -14.17 -46.53
CA ALA B 345 4.91 -13.64 -45.85
C ALA B 345 5.34 -12.46 -45.00
N ILE B 346 4.38 -11.58 -44.72
CA ILE B 346 4.64 -10.36 -43.96
C ILE B 346 3.59 -10.23 -42.87
N LEU B 347 4.03 -9.90 -41.66
CA LEU B 347 3.16 -9.78 -40.50
C LEU B 347 3.35 -8.41 -39.85
N VAL B 348 2.24 -7.79 -39.47
CA VAL B 348 2.27 -6.52 -38.75
C VAL B 348 1.49 -6.68 -37.46
N PRO B 349 2.15 -6.92 -36.32
CA PRO B 349 1.42 -7.08 -35.06
C PRO B 349 1.20 -5.76 -34.34
N GLY B 350 0.58 -5.81 -33.17
CA GLY B 350 0.34 -4.63 -32.37
C GLY B 350 1.61 -3.92 -31.98
N GLY B 351 1.68 -2.61 -32.22
CA GLY B 351 2.85 -1.82 -31.91
C GLY B 351 2.75 -1.17 -30.55
N PHE B 352 3.90 -1.05 -29.89
CA PHE B 352 3.99 -0.46 -28.55
C PHE B 352 4.45 0.99 -28.71
N GLY B 353 3.49 1.91 -28.72
CA GLY B 353 3.77 3.33 -28.82
C GLY B 353 3.18 3.92 -30.08
N LEU B 354 3.82 5.00 -30.56
CA LEU B 354 3.36 5.70 -31.75
C LEU B 354 4.44 5.92 -32.80
N ARG B 355 5.71 5.65 -32.50
CA ARG B 355 6.80 5.92 -33.42
C ARG B 355 6.80 4.93 -34.57
N GLY B 356 7.19 5.41 -35.75
CA GLY B 356 7.44 4.54 -36.89
C GLY B 356 6.22 3.83 -37.46
N VAL B 357 5.09 4.53 -37.60
CA VAL B 357 3.92 3.89 -38.17
C VAL B 357 3.89 4.01 -39.69
N GLU B 358 4.45 5.10 -40.23
CA GLU B 358 4.56 5.22 -41.68
C GLU B 358 5.37 4.07 -42.27
N GLY B 359 6.32 3.55 -41.51
CA GLY B 359 7.01 2.35 -41.96
C GLY B 359 6.07 1.18 -42.13
N LYS B 360 5.16 0.97 -41.18
CA LYS B 360 4.17 -0.08 -41.32
C LYS B 360 3.20 0.19 -42.47
N ILE B 361 2.89 1.46 -42.72
CA ILE B 361 2.05 1.81 -43.87
C ILE B 361 2.73 1.37 -45.16
N SER B 362 4.01 1.73 -45.30
CA SER B 362 4.75 1.30 -46.48
C SER B 362 4.84 -0.22 -46.54
N THR B 363 4.93 -0.87 -45.37
CA THR B 363 5.01 -2.33 -45.32
C THR B 363 3.75 -2.98 -45.85
N VAL B 364 2.58 -2.54 -45.40
CA VAL B 364 1.33 -3.13 -45.87
C VAL B 364 1.15 -2.81 -47.36
N GLN B 365 1.54 -1.60 -47.78
CA GLN B 365 1.48 -1.28 -49.20
C GLN B 365 2.30 -2.26 -50.03
N TYR B 366 3.56 -2.49 -49.61
CA TYR B 366 4.42 -3.42 -50.33
C TYR B 366 3.86 -4.83 -50.31
N ALA B 367 3.31 -5.26 -49.17
CA ALA B 367 2.77 -6.61 -49.07
C ALA B 367 1.58 -6.79 -50.01
N ARG B 368 0.70 -5.80 -50.08
CA ARG B 368 -0.51 -5.96 -50.89
C ARG B 368 -0.21 -5.81 -52.38
N GLU B 369 0.71 -4.91 -52.75
CA GLU B 369 1.02 -4.72 -54.16
C GLU B 369 1.76 -5.92 -54.73
N ASN B 370 2.68 -6.50 -53.97
CA ASN B 370 3.48 -7.62 -54.44
C ASN B 370 2.80 -8.96 -54.19
N LYS B 371 1.58 -8.96 -53.66
CA LYS B 371 0.79 -10.17 -53.45
C LYS B 371 1.54 -11.18 -52.58
N ILE B 372 1.99 -10.72 -51.42
CA ILE B 372 2.67 -11.54 -50.42
C ILE B 372 1.71 -11.75 -49.25
N PRO B 373 1.49 -13.00 -48.80
CA PRO B 373 0.54 -13.24 -47.70
C PRO B 373 0.73 -12.30 -46.52
N TYR B 374 -0.28 -11.50 -46.23
CA TYR B 374 -0.20 -10.47 -45.21
C TYR B 374 -1.24 -10.74 -44.12
N LEU B 375 -0.80 -10.67 -42.87
CA LEU B 375 -1.69 -10.77 -41.72
C LEU B 375 -1.37 -9.63 -40.78
N GLY B 376 -2.37 -8.80 -40.50
CA GLY B 376 -2.21 -7.69 -39.58
C GLY B 376 -3.02 -7.94 -38.32
N ILE B 377 -2.47 -7.49 -37.19
CA ILE B 377 -3.07 -7.72 -35.88
C ILE B 377 -3.15 -6.40 -35.15
N CYS B 378 -4.33 -6.05 -34.64
CA CYS B 378 -4.58 -4.81 -33.91
C CYS B 378 -4.17 -3.60 -34.74
N LEU B 379 -2.97 -3.07 -34.48
CA LEU B 379 -2.46 -1.98 -35.30
C LEU B 379 -2.30 -2.40 -36.75
N GLY B 380 -2.17 -3.70 -37.01
CA GLY B 380 -2.04 -4.17 -38.37
C GLY B 380 -3.25 -3.85 -39.21
N MET B 381 -4.45 -4.12 -38.68
CA MET B 381 -5.65 -3.80 -39.45
C MET B 381 -5.81 -2.29 -39.61
N GLN B 382 -5.39 -1.52 -38.60
CA GLN B 382 -5.52 -0.07 -38.69
C GLN B 382 -4.63 0.49 -39.79
N VAL B 383 -3.36 0.07 -39.82
CA VAL B 383 -2.47 0.54 -40.88
C VAL B 383 -2.91 0.01 -42.23
N ALA B 384 -3.45 -1.21 -42.28
CA ALA B 384 -3.94 -1.74 -43.55
C ALA B 384 -5.09 -0.89 -44.08
N VAL B 385 -6.03 -0.52 -43.21
CA VAL B 385 -7.15 0.31 -43.64
C VAL B 385 -6.65 1.69 -44.09
N ILE B 386 -5.72 2.27 -43.33
CA ILE B 386 -5.21 3.59 -43.69
C ILE B 386 -4.52 3.55 -45.05
N GLU B 387 -3.68 2.53 -45.27
CA GLU B 387 -2.98 2.42 -46.55
C GLU B 387 -3.96 2.16 -47.69
N TYR B 388 -4.96 1.32 -47.46
CA TYR B 388 -5.94 1.04 -48.50
C TYR B 388 -6.71 2.29 -48.88
N ALA B 389 -7.06 3.11 -47.88
CA ALA B 389 -7.68 4.40 -48.18
C ALA B 389 -6.74 5.31 -48.94
N ARG B 390 -5.45 5.32 -48.58
CA ARG B 390 -4.50 6.21 -49.23
C ARG B 390 -4.29 5.83 -50.70
N ASN B 391 -4.16 4.54 -50.99
CA ASN B 391 -3.71 4.10 -52.31
C ASN B 391 -4.81 3.58 -53.22
N VAL B 392 -6.02 3.38 -52.70
CA VAL B 392 -7.16 3.02 -53.55
C VAL B 392 -8.09 4.21 -53.66
N LEU B 393 -8.58 4.70 -52.52
CA LEU B 393 -9.47 5.85 -52.54
C LEU B 393 -8.73 7.16 -52.78
N GLY B 394 -7.40 7.13 -52.78
CA GLY B 394 -6.63 8.31 -53.13
C GLY B 394 -6.45 9.32 -52.02
N TRP B 395 -6.93 9.04 -50.81
CA TRP B 395 -6.78 9.98 -49.71
C TRP B 395 -5.35 9.95 -49.18
N SER B 396 -4.47 10.77 -49.76
CA SER B 396 -3.06 10.71 -49.41
C SER B 396 -2.83 11.07 -47.94
N ASP B 397 -3.62 11.99 -47.41
CA ASP B 397 -3.47 12.44 -46.03
C ASP B 397 -4.36 11.68 -45.05
N ALA B 398 -4.92 10.54 -45.46
CA ALA B 398 -5.73 9.73 -44.57
C ALA B 398 -4.87 9.17 -43.44
N ASN B 399 -5.38 9.23 -42.22
CA ASN B 399 -4.65 8.76 -41.05
C ASN B 399 -5.65 8.40 -39.95
N SER B 400 -5.14 8.26 -38.73
CA SER B 400 -5.95 7.88 -37.58
C SER B 400 -5.79 8.91 -36.46
N THR B 401 -6.78 8.94 -35.56
CA THR B 401 -6.77 9.91 -34.47
C THR B 401 -5.67 9.63 -33.45
N GLU B 402 -5.13 8.41 -33.43
CA GLU B 402 -3.95 8.14 -32.60
C GLU B 402 -2.82 9.08 -32.96
N PHE B 403 -2.50 9.16 -34.25
CA PHE B 403 -1.32 9.87 -34.73
C PHE B 403 -1.71 11.27 -35.13
N ASP B 404 -0.85 11.95 -35.89
CA ASP B 404 -1.04 13.33 -36.28
C ASP B 404 -2.48 13.62 -36.64
N LYS B 405 -3.08 14.58 -35.93
CA LYS B 405 -4.47 14.95 -36.16
C LYS B 405 -4.66 15.77 -37.42
N SER B 406 -3.57 16.14 -38.10
CA SER B 406 -3.66 16.81 -39.41
C SER B 406 -4.01 15.76 -40.46
N SER B 407 -5.27 15.35 -40.44
CA SER B 407 -5.76 14.31 -41.33
C SER B 407 -7.22 14.61 -41.66
N GLY B 408 -7.48 14.98 -42.90
CA GLY B 408 -8.85 15.20 -43.35
C GLY B 408 -9.65 13.94 -43.59
N HIS B 409 -9.01 12.78 -43.54
CA HIS B 409 -9.69 11.49 -43.79
C HIS B 409 -9.38 10.54 -42.65
N PRO B 410 -10.03 10.71 -41.49
CA PRO B 410 -9.79 9.80 -40.37
C PRO B 410 -10.57 8.50 -40.51
N VAL B 411 -10.02 7.54 -41.27
CA VAL B 411 -10.70 6.26 -41.46
C VAL B 411 -10.77 5.43 -40.19
N VAL B 412 -9.90 5.69 -39.21
CA VAL B 412 -9.92 4.99 -37.93
C VAL B 412 -9.80 6.06 -36.84
N GLY B 413 -10.71 6.03 -35.88
CA GLY B 413 -10.70 7.03 -34.83
C GLY B 413 -11.57 6.64 -33.67
N LEU B 414 -11.44 7.41 -32.59
CA LEU B 414 -12.24 7.18 -31.39
C LEU B 414 -13.70 7.48 -31.66
N ILE B 415 -14.59 6.73 -30.97
CA ILE B 415 -16.02 6.90 -31.16
C ILE B 415 -16.48 8.28 -30.72
N THR B 416 -15.81 8.86 -29.71
CA THR B 416 -16.28 10.13 -29.15
C THR B 416 -16.27 11.24 -30.19
N GLU B 417 -15.23 11.31 -31.02
CA GLU B 417 -15.18 12.26 -32.13
C GLU B 417 -15.85 11.67 -33.37
N TRP B 418 -17.08 11.20 -33.20
CA TRP B 418 -17.81 10.49 -34.23
C TRP B 418 -19.25 10.32 -33.76
N GLN B 419 -20.17 10.29 -34.73
CA GLN B 419 -21.61 10.18 -34.45
C GLN B 419 -22.10 11.31 -33.56
N ASP B 433 -9.75 14.12 -25.78
CA ASP B 433 -10.15 13.68 -24.45
C ASP B 433 -11.40 12.80 -24.52
N LEU B 434 -12.41 13.16 -23.73
CA LEU B 434 -13.70 12.45 -23.70
C LEU B 434 -13.51 10.98 -23.34
N GLY B 435 -12.54 10.71 -22.47
CA GLY B 435 -12.33 9.36 -21.99
C GLY B 435 -11.81 8.41 -23.07
N GLY B 436 -11.98 7.12 -22.81
CA GLY B 436 -11.56 6.10 -23.74
C GLY B 436 -12.47 4.89 -23.73
N THR B 437 -12.61 4.23 -24.88
CA THR B 437 -13.49 3.07 -24.97
C THR B 437 -12.96 1.90 -24.13
N MET B 438 -11.64 1.69 -24.14
CA MET B 438 -11.00 0.61 -23.39
C MET B 438 -11.59 -0.75 -23.78
N ARG B 439 -11.52 -1.06 -25.07
CA ARG B 439 -12.02 -2.32 -25.61
C ARG B 439 -11.06 -3.44 -25.25
N LEU B 440 -11.34 -4.11 -24.14
CA LEU B 440 -10.45 -5.12 -23.60
C LEU B 440 -11.26 -6.37 -23.23
N GLY B 441 -10.66 -7.53 -23.48
CA GLY B 441 -11.28 -8.79 -23.10
C GLY B 441 -11.87 -9.55 -24.27
N ALA B 442 -12.59 -10.61 -23.92
CA ALA B 442 -13.25 -11.43 -24.93
C ALA B 442 -14.50 -10.75 -25.46
N GLN B 443 -14.83 -11.06 -26.71
CA GLN B 443 -16.00 -10.48 -27.35
C GLN B 443 -16.52 -11.42 -28.43
N GLU B 444 -17.77 -11.23 -28.86
CA GLU B 444 -18.37 -12.10 -29.86
C GLU B 444 -18.07 -11.54 -31.24
N CYS B 445 -18.13 -12.40 -32.25
CA CYS B 445 -17.65 -12.07 -33.59
C CYS B 445 -18.72 -12.45 -34.61
N GLN B 446 -18.77 -11.72 -35.72
CA GLN B 446 -19.63 -12.07 -36.85
C GLN B 446 -18.75 -12.16 -38.09
N LEU B 447 -18.42 -13.37 -38.49
CA LEU B 447 -17.67 -13.56 -39.73
C LEU B 447 -18.61 -13.47 -40.93
N GLN B 448 -18.01 -13.39 -42.11
CA GLN B 448 -18.75 -13.37 -43.37
C GLN B 448 -18.54 -14.68 -44.12
N THR B 449 -19.59 -15.15 -44.77
CA THR B 449 -19.54 -16.42 -45.48
C THR B 449 -18.69 -16.30 -46.75
N GLY B 450 -17.94 -17.36 -47.03
CA GLY B 450 -17.12 -17.43 -48.21
C GLY B 450 -15.78 -16.73 -48.11
N THR B 451 -15.46 -16.11 -46.97
CA THR B 451 -14.21 -15.41 -46.83
C THR B 451 -13.11 -16.35 -46.34
N LEU B 452 -11.88 -15.84 -46.30
CA LEU B 452 -10.77 -16.61 -45.76
C LEU B 452 -10.97 -16.90 -44.28
N VAL B 453 -11.54 -15.94 -43.55
CA VAL B 453 -11.79 -16.14 -42.12
C VAL B 453 -12.77 -17.28 -41.91
N HIS B 454 -13.83 -17.32 -42.72
CA HIS B 454 -14.74 -18.46 -42.68
C HIS B 454 -14.04 -19.74 -43.12
N ASP B 455 -13.19 -19.65 -44.14
CA ASP B 455 -12.46 -20.82 -44.62
C ASP B 455 -11.53 -21.39 -43.58
N CYS B 456 -11.11 -20.58 -42.60
CA CYS B 456 -10.22 -21.04 -41.55
C CYS B 456 -10.99 -21.49 -40.30
N TYR B 457 -11.82 -20.61 -39.75
CA TYR B 457 -12.57 -20.93 -38.54
C TYR B 457 -13.67 -21.96 -38.77
N ALA B 458 -14.16 -22.06 -40.00
CA ALA B 458 -15.19 -23.05 -40.37
C ALA B 458 -16.45 -22.87 -39.52
N LYS B 459 -16.79 -21.62 -39.21
CA LYS B 459 -18.00 -21.32 -38.46
C LYS B 459 -18.31 -19.82 -38.55
N ASP B 460 -19.43 -19.40 -37.98
CA ASP B 460 -19.85 -18.00 -38.02
C ASP B 460 -19.88 -17.35 -36.65
N VAL B 461 -19.75 -18.11 -35.56
CA VAL B 461 -19.74 -17.57 -34.21
C VAL B 461 -18.46 -18.06 -33.52
N ILE B 462 -17.63 -17.11 -33.09
CA ILE B 462 -16.40 -17.42 -32.36
C ILE B 462 -16.25 -16.40 -31.24
N VAL B 463 -15.38 -16.74 -30.28
CA VAL B 463 -15.07 -15.87 -29.15
C VAL B 463 -13.56 -15.68 -29.14
N GLU B 464 -13.12 -14.42 -29.22
CA GLU B 464 -11.70 -14.08 -29.24
C GLU B 464 -11.45 -12.86 -28.37
N ARG B 465 -10.17 -12.62 -28.06
CA ARG B 465 -9.80 -11.57 -27.13
C ARG B 465 -9.23 -10.36 -27.86
N HIS B 466 -9.55 -9.17 -27.35
CA HIS B 466 -9.23 -7.90 -27.96
C HIS B 466 -8.60 -6.97 -26.94
N ARG B 467 -7.68 -6.14 -27.40
CA ARG B 467 -7.03 -5.15 -26.55
C ARG B 467 -6.88 -3.81 -27.30
N HIS B 468 -7.95 -3.31 -27.90
CA HIS B 468 -7.81 -2.05 -28.64
C HIS B 468 -8.69 -0.99 -28.00
N ARG B 469 -8.51 0.24 -28.46
CA ARG B 469 -9.40 1.34 -28.11
C ARG B 469 -9.90 2.10 -29.33
N TYR B 470 -9.09 2.19 -30.38
CA TYR B 470 -9.47 2.90 -31.60
C TYR B 470 -10.02 1.91 -32.62
N GLU B 471 -11.18 2.22 -33.17
CA GLU B 471 -11.87 1.35 -34.10
C GLU B 471 -12.00 2.00 -35.47
N VAL B 472 -12.65 1.29 -36.39
CA VAL B 472 -12.82 1.74 -37.75
C VAL B 472 -14.04 2.66 -37.81
N ASN B 473 -13.85 3.86 -38.37
CA ASN B 473 -14.93 4.82 -38.49
C ASN B 473 -15.92 4.36 -39.57
N ASN B 474 -17.16 4.14 -39.18
CA ASN B 474 -18.19 3.71 -40.12
C ASN B 474 -18.58 4.83 -41.08
N ASN B 475 -18.20 6.07 -40.80
CA ASN B 475 -18.57 7.18 -41.68
C ASN B 475 -17.98 7.00 -43.07
N LEU B 476 -16.73 6.56 -43.15
CA LEU B 476 -16.07 6.33 -44.43
C LEU B 476 -16.06 4.86 -44.82
N LEU B 477 -16.72 3.99 -44.06
CA LEU B 477 -16.69 2.56 -44.34
C LEU B 477 -17.30 2.20 -45.69
N PRO B 478 -18.51 2.67 -46.06
CA PRO B 478 -19.08 2.25 -47.35
C PRO B 478 -18.23 2.62 -48.55
N GLN B 479 -17.55 3.78 -48.50
CA GLN B 479 -16.69 4.19 -49.61
C GLN B 479 -15.57 3.18 -49.83
N LEU B 480 -14.95 2.70 -48.75
CA LEU B 480 -13.94 1.66 -48.89
C LEU B 480 -14.57 0.34 -49.31
N GLU B 481 -15.78 0.07 -48.83
CA GLU B 481 -16.44 -1.19 -49.15
C GLU B 481 -16.73 -1.30 -50.64
N GLN B 482 -17.14 -0.20 -51.26
CA GLN B 482 -17.33 -0.15 -52.71
C GLN B 482 -16.02 0.05 -53.45
N ALA B 483 -14.93 0.31 -52.74
CA ALA B 483 -13.61 0.41 -53.36
C ALA B 483 -12.93 -0.93 -53.49
N GLY B 484 -13.58 -2.01 -53.05
CA GLY B 484 -13.03 -3.35 -53.12
C GLY B 484 -12.63 -3.93 -51.79
N LEU B 485 -12.53 -3.11 -50.74
CA LEU B 485 -12.13 -3.59 -49.42
C LEU B 485 -13.21 -4.50 -48.88
N LYS B 486 -12.86 -5.76 -48.66
CA LYS B 486 -13.81 -6.72 -48.11
C LYS B 486 -13.94 -6.53 -46.60
N ILE B 487 -15.18 -6.60 -46.11
CA ILE B 487 -15.43 -6.63 -44.67
C ILE B 487 -15.77 -8.06 -44.29
N SER B 488 -14.76 -8.84 -43.93
CA SER B 488 -14.94 -10.26 -43.66
C SER B 488 -15.35 -10.54 -42.21
N GLY B 489 -15.39 -9.52 -41.36
CA GLY B 489 -15.84 -9.74 -40.00
C GLY B 489 -16.15 -8.47 -39.24
N ARG B 490 -17.19 -8.53 -38.41
CA ARG B 490 -17.61 -7.40 -37.60
C ARG B 490 -17.81 -7.88 -36.16
N SER B 491 -18.27 -6.96 -35.32
CA SER B 491 -18.44 -7.23 -33.90
C SER B 491 -19.58 -8.22 -33.68
N GLY B 492 -19.84 -8.55 -32.41
CA GLY B 492 -20.89 -9.48 -32.07
C GLY B 492 -22.28 -8.99 -32.44
N ASP B 493 -22.44 -7.69 -32.66
CA ASP B 493 -23.68 -7.12 -33.16
C ASP B 493 -23.56 -6.49 -34.54
N GLY B 494 -22.35 -6.47 -35.11
CA GLY B 494 -22.13 -5.89 -36.42
C GLY B 494 -21.94 -4.39 -36.44
N ALA B 495 -21.89 -3.74 -35.27
CA ALA B 495 -21.79 -2.28 -35.24
C ALA B 495 -20.44 -1.80 -35.75
N LEU B 496 -19.36 -2.51 -35.42
CA LEU B 496 -18.01 -2.06 -35.73
C LEU B 496 -17.29 -3.08 -36.61
N VAL B 497 -16.33 -2.58 -37.38
CA VAL B 497 -15.52 -3.40 -38.26
C VAL B 497 -14.49 -4.16 -37.45
N GLU B 498 -14.37 -5.46 -37.72
CA GLU B 498 -13.47 -6.33 -36.96
C GLU B 498 -12.32 -6.85 -37.80
N VAL B 499 -12.57 -7.55 -38.89
CA VAL B 499 -11.52 -8.11 -39.73
C VAL B 499 -11.84 -7.79 -41.19
N VAL B 500 -10.80 -7.46 -41.96
CA VAL B 500 -10.95 -7.08 -43.35
C VAL B 500 -10.01 -7.92 -44.21
N GLU B 501 -10.30 -7.95 -45.50
CA GLU B 501 -9.55 -8.74 -46.47
C GLU B 501 -9.39 -7.94 -47.76
N ALA B 502 -8.40 -8.33 -48.57
CA ALA B 502 -8.20 -7.70 -49.87
C ALA B 502 -8.90 -8.52 -50.96
N PRO B 503 -9.43 -7.86 -52.00
CA PRO B 503 -10.21 -8.58 -53.01
C PRO B 503 -9.36 -9.33 -54.01
N GLU B 504 -8.19 -8.79 -54.35
CA GLU B 504 -7.33 -9.34 -55.40
C GLU B 504 -5.98 -9.72 -54.83
N HIS B 505 -5.99 -10.40 -53.69
CA HIS B 505 -4.80 -10.84 -53.01
C HIS B 505 -4.88 -12.34 -52.73
N PRO B 506 -3.78 -13.07 -52.89
CA PRO B 506 -3.82 -14.51 -52.58
C PRO B 506 -4.20 -14.79 -51.13
N TRP B 507 -3.72 -13.96 -50.21
CA TRP B 507 -4.05 -14.13 -48.79
C TRP B 507 -3.72 -12.82 -48.08
N PHE B 508 -4.74 -12.16 -47.56
CA PHE B 508 -4.57 -10.83 -46.96
C PHE B 508 -5.68 -10.67 -45.92
N VAL B 509 -5.32 -10.81 -44.65
CA VAL B 509 -6.29 -10.68 -43.56
C VAL B 509 -5.75 -9.68 -42.54
N ALA B 510 -6.59 -8.75 -42.13
CA ALA B 510 -6.23 -7.75 -41.13
C ALA B 510 -7.29 -7.77 -40.04
N CYS B 511 -6.91 -8.21 -38.84
CA CYS B 511 -7.84 -8.44 -37.75
C CYS B 511 -7.54 -7.49 -36.60
N GLN B 512 -8.59 -7.02 -35.95
CA GLN B 512 -8.44 -6.13 -34.80
C GLN B 512 -8.02 -6.89 -33.55
N PHE B 513 -8.52 -8.10 -33.35
CA PHE B 513 -8.23 -8.84 -32.13
C PHE B 513 -6.83 -9.44 -32.18
N HIS B 514 -6.40 -9.96 -31.02
CA HIS B 514 -5.14 -10.66 -30.90
C HIS B 514 -5.39 -12.17 -30.82
N PRO B 515 -5.38 -12.87 -31.95
CA PRO B 515 -5.65 -14.32 -31.92
C PRO B 515 -4.54 -15.14 -31.32
N GLU B 516 -3.34 -14.58 -31.17
CA GLU B 516 -2.20 -15.33 -30.67
C GLU B 516 -2.35 -15.76 -29.21
N PHE B 517 -3.32 -15.19 -28.49
CA PHE B 517 -3.52 -15.52 -27.08
C PHE B 517 -4.22 -16.85 -26.86
N THR B 518 -5.06 -17.28 -27.81
CA THR B 518 -5.76 -18.56 -27.69
C THR B 518 -5.02 -19.69 -28.40
N SER B 519 -3.94 -19.38 -29.12
CA SER B 519 -3.16 -20.40 -29.82
C SER B 519 -2.38 -21.23 -28.83
N THR B 520 -2.49 -22.55 -28.93
CA THR B 520 -1.78 -23.50 -28.09
C THR B 520 -0.91 -24.41 -28.95
N PRO B 521 0.14 -25.00 -28.37
CA PRO B 521 1.02 -25.86 -29.17
C PRO B 521 0.38 -27.19 -29.56
N ARG B 522 -0.53 -27.69 -28.73
CA ARG B 522 -1.15 -28.99 -28.97
C ARG B 522 -2.41 -28.88 -29.82
N ASP B 523 -2.82 -27.67 -30.19
CA ASP B 523 -3.99 -27.49 -31.05
C ASP B 523 -3.80 -26.50 -32.18
N GLY B 524 -2.77 -25.66 -32.13
CA GLY B 524 -2.54 -24.67 -33.16
C GLY B 524 -3.61 -23.59 -33.15
N HIS B 525 -3.72 -22.89 -34.27
CA HIS B 525 -4.72 -21.85 -34.45
C HIS B 525 -5.06 -21.78 -35.93
N PRO B 526 -6.35 -21.90 -36.29
CA PRO B 526 -6.71 -21.98 -37.72
C PRO B 526 -6.25 -20.78 -38.54
N LEU B 527 -6.32 -19.57 -38.00
CA LEU B 527 -5.91 -18.39 -38.76
C LEU B 527 -4.42 -18.39 -39.02
N PHE B 528 -3.62 -18.67 -37.98
CA PHE B 528 -2.17 -18.71 -38.15
C PHE B 528 -1.76 -19.88 -39.05
N SER B 529 -2.46 -21.01 -38.92
CA SER B 529 -2.19 -22.14 -39.81
C SER B 529 -2.48 -21.78 -41.26
N GLY B 530 -3.58 -21.06 -41.51
CA GLY B 530 -3.86 -20.62 -42.86
C GLY B 530 -2.81 -19.64 -43.38
N PHE B 531 -2.34 -18.75 -42.51
CA PHE B 531 -1.26 -17.85 -42.89
C PHE B 531 -0.01 -18.61 -43.28
N VAL B 532 0.35 -19.64 -42.50
CA VAL B 532 1.52 -20.45 -42.81
C VAL B 532 1.32 -21.20 -44.12
N ASN B 533 0.13 -21.75 -44.34
CA ASN B 533 -0.14 -22.45 -45.59
C ASN B 533 -0.06 -21.51 -46.78
N ALA B 534 -0.53 -20.27 -46.62
CA ALA B 534 -0.37 -19.29 -47.68
C ALA B 534 1.09 -18.99 -47.95
N ALA B 535 1.90 -18.87 -46.89
CA ALA B 535 3.32 -18.64 -47.06
C ALA B 535 3.97 -19.78 -47.83
N LEU B 536 3.60 -21.02 -47.53
CA LEU B 536 4.11 -22.16 -48.31
C LEU B 536 3.60 -22.11 -49.75
N LYS B 537 2.36 -21.72 -49.95
CA LYS B 537 1.80 -21.64 -51.30
C LYS B 537 2.55 -20.62 -52.15
N TYR B 538 3.00 -19.53 -51.53
CA TYR B 538 3.73 -18.48 -52.23
C TYR B 538 4.98 -19.04 -52.91
N SER B 539 5.93 -19.56 -52.12
CA SER B 539 7.14 -20.12 -52.69
C SER B 539 7.35 -21.57 -52.29
N GLY B 540 7.22 -21.86 -51.00
CA GLY B 540 7.50 -23.19 -50.48
C GLY B 540 6.68 -24.31 -51.10
#